data_2YFO
#
_entry.id   2YFO
#
_cell.length_a   105.016
_cell.length_b   111.603
_cell.length_c   155.290
_cell.angle_alpha   90.00
_cell.angle_beta   90.00
_cell.angle_gamma   90.00
#
_symmetry.space_group_name_H-M   'I 2 2 2'
#
loop_
_entity.id
_entity.type
_entity.pdbx_description
1 polymer 'ALPHA-GALACTOSIDASE-SUCROSE KINASE AGASK'
2 non-polymer GLYCEROL
3 non-polymer 'TRIETHYLENE GLYCOL'
4 non-polymer 'PHOSPHATE ION'
5 non-polymer 'SODIUM ION'
6 non-polymer alpha-D-galactopyranose
7 non-polymer beta-D-galactopyranose
8 water water
#
_entity_poly.entity_id   1
_entity_poly.type   'polypeptide(L)'
_entity_poly.pdbx_seq_one_letter_code
;MAIIYNPNKKIFTLHTAHTTYQMQVDPLGYLLHLYYGEKTNSSMDYVLTYADRGFSGNPYAAGMDRTYSLDALPQEYPSL
GTGDYRNIALNIKNEKGVESADLLFKSYEIRNGKYRLQGLPAVWADEKEAQTLEIVLADENAQVEVHLLYGVLEENDVIT
RSVRIKNTGTGQITIEKAAAACLDFVQGEFDVLRFYGKHAMERNLERTPLGHGTIAFGSRRGTSSHQYNPAVILAEKGTT
ETAGSCYGMLFVYSGNFSCEAEKDQFNQTRLLLGLNEELFSYPLASGETFTVPEVILSYSAEGLSALSQQYHNCIRNHVC
RSKYVHMQRPVLINSWEAAYFDFTGDTIVDLAKEAASLGIDMVVMDDGWFGKRNDDNSSLGDWQVNETKLGGSLAELITR
VHEQGMKFGIWIEPEMINEDSDLYRAHPDWAIRIQGKKPVRSRNQLLLDFSRKEVRDCVFDQICVVLDQGKIDYVKWDMN
RSMADVYAGNLSYDYVLGVYDFMERLCSRYPDLLLEGCSGGGGRFDAGMLYYSPQIWCSDNTDAINRTRIQYGTSFFYPV
SAMGAHVSAVPNHQTGRVTSFHTRGVTAMAGTFGYELNPALLSDEEKQQIREQIKTYKKYETLINEGTYWRLSDPFTDEI
AAWMSVSEEQDHALVSVVRLMAEANQATVYVRLRGLKPDAVYLEEQSGRQYSGAALMHAGIPLPPFTEEYEAYQFAFTEL
;
_entity_poly.pdbx_strand_id   A
#
# COMPACT_ATOMS: atom_id res chain seq x y z
N ALA A 2 -2.89 13.86 21.46
CA ALA A 2 -3.89 14.48 22.40
C ALA A 2 -5.10 14.89 21.59
N ILE A 3 -6.27 14.80 22.22
CA ILE A 3 -7.50 15.28 21.62
C ILE A 3 -8.23 16.13 22.65
N ILE A 4 -8.55 17.36 22.28
CA ILE A 4 -9.13 18.38 23.15
CA ILE A 4 -9.24 18.24 23.20
C ILE A 4 -10.45 18.90 22.56
N TYR A 5 -11.45 19.16 23.40
CA TYR A 5 -12.65 19.85 23.01
C TYR A 5 -12.79 21.13 23.80
N ASN A 6 -12.99 22.24 23.11
CA ASN A 6 -13.31 23.53 23.72
C ASN A 6 -14.80 23.72 23.50
N PRO A 7 -15.62 23.53 24.55
CA PRO A 7 -17.07 23.56 24.34
C PRO A 7 -17.63 24.95 23.97
N ASN A 8 -16.96 26.01 24.44
CA ASN A 8 -17.43 27.35 24.20
C ASN A 8 -17.26 27.78 22.75
N LYS A 9 -16.10 27.46 22.18
CA LYS A 9 -15.82 27.73 20.75
C LYS A 9 -16.27 26.57 19.87
N LYS A 10 -16.62 25.42 20.46
CA LYS A 10 -17.00 24.20 19.76
C LYS A 10 -15.84 23.77 18.84
N ILE A 11 -14.62 23.87 19.36
CA ILE A 11 -13.42 23.47 18.60
C ILE A 11 -12.85 22.16 19.09
N PHE A 12 -12.53 21.25 18.18
CA PHE A 12 -11.84 20.01 18.47
C PHE A 12 -10.43 20.15 17.93
N THR A 13 -9.45 19.89 18.76
CA THR A 13 -8.05 19.97 18.39
C THR A 13 -7.43 18.59 18.56
N LEU A 14 -6.73 18.12 17.53
CA LEU A 14 -5.97 16.88 17.52
C LEU A 14 -4.49 17.27 17.47
N HIS A 15 -3.72 16.88 18.45
CA HIS A 15 -2.27 17.10 18.45
C HIS A 15 -1.54 15.77 18.35
N THR A 16 -0.55 15.75 17.45
CA THR A 16 0.45 14.71 17.44
C THR A 16 1.73 15.35 18.01
N ALA A 17 2.84 14.64 17.96
CA ALA A 17 4.08 15.17 18.51
C ALA A 17 4.46 16.49 17.85
N HIS A 18 4.24 16.61 16.55
CA HIS A 18 4.72 17.78 15.81
C HIS A 18 3.68 18.42 14.93
N THR A 19 2.42 17.97 14.97
CA THR A 19 1.37 18.52 14.09
C THR A 19 0.09 18.77 14.88
N THR A 20 -0.74 19.67 14.37
CA THR A 20 -2.06 20.00 14.91
C THR A 20 -3.08 20.00 13.78
N TYR A 21 -4.23 19.41 14.04
CA TYR A 21 -5.37 19.35 13.13
C TYR A 21 -6.55 19.92 13.93
N GLN A 22 -7.27 20.89 13.40
CA GLN A 22 -8.31 21.54 14.17
C GLN A 22 -9.57 21.73 13.34
N MET A 23 -10.71 21.56 13.99
CA MET A 23 -12.03 21.64 13.39
CA MET A 23 -12.01 21.69 13.37
C MET A 23 -12.98 22.37 14.34
N GLN A 24 -14.11 22.83 13.82
CA GLN A 24 -15.05 23.60 14.64
C GLN A 24 -16.46 23.37 14.18
N VAL A 25 -17.38 23.21 15.14
CA VAL A 25 -18.81 23.21 14.85
C VAL A 25 -19.29 24.65 14.86
N ASP A 26 -19.85 25.10 13.73
CA ASP A 26 -20.25 26.49 13.60
C ASP A 26 -21.64 26.69 14.24
N PRO A 27 -22.13 27.94 14.24
CA PRO A 27 -23.44 28.20 14.90
C PRO A 27 -24.64 27.56 14.22
N LEU A 28 -24.49 27.11 12.98
CA LEU A 28 -25.54 26.40 12.28
C LEU A 28 -25.43 24.88 12.40
N GLY A 29 -24.36 24.38 13.03
CA GLY A 29 -24.15 22.98 13.20
C GLY A 29 -23.24 22.30 12.20
N TYR A 30 -22.67 23.07 11.26
CA TYR A 30 -21.75 22.50 10.28
C TYR A 30 -20.37 22.28 10.88
N LEU A 31 -19.73 21.20 10.46
CA LEU A 31 -18.39 20.86 10.99
C LEU A 31 -17.36 21.38 9.99
N LEU A 32 -16.76 22.50 10.36
CA LEU A 32 -15.77 23.18 9.52
C LEU A 32 -14.36 22.74 9.84
N HIS A 33 -13.49 22.74 8.84
CA HIS A 33 -12.09 22.44 8.99
C HIS A 33 -11.33 23.73 9.15
N LEU A 34 -10.56 23.87 10.23
CA LEU A 34 -9.82 25.11 10.48
C LEU A 34 -8.36 25.06 10.01
N TYR A 35 -7.67 23.96 10.29
CA TYR A 35 -6.21 23.93 10.20
C TYR A 35 -5.66 22.52 10.21
N TYR A 36 -4.58 22.29 9.47
CA TYR A 36 -3.74 21.11 9.63
C TYR A 36 -2.34 21.48 9.26
N GLY A 37 -1.40 21.34 10.16
CA GLY A 37 -0.05 21.75 9.90
C GLY A 37 0.79 21.66 11.15
N GLU A 38 1.77 22.56 11.23
CA GLU A 38 2.70 22.64 12.37
CA GLU A 38 2.69 22.58 12.35
C GLU A 38 1.96 22.78 13.67
N LYS A 39 2.49 22.20 14.74
CA LYS A 39 1.84 22.22 16.04
C LYS A 39 1.57 23.62 16.57
N THR A 40 0.35 23.84 17.04
CA THR A 40 -0.02 25.16 17.61
C THR A 40 -1.09 25.00 18.67
N ASN A 41 -1.00 25.80 19.75
CA ASN A 41 -2.09 25.87 20.76
C ASN A 41 -3.13 26.95 20.46
N SER A 42 -2.97 27.66 19.36
CA SER A 42 -3.93 28.70 19.02
C SER A 42 -5.29 28.16 18.58
N SER A 43 -6.28 29.00 18.72
CA SER A 43 -7.56 28.76 18.09
C SER A 43 -7.48 29.33 16.70
N MET A 44 -7.59 28.47 15.70
CA MET A 44 -7.38 28.85 14.31
C MET A 44 -8.67 29.26 13.62
N ASP A 45 -9.71 29.55 14.39
CA ASP A 45 -10.97 29.98 13.81
C ASP A 45 -10.87 31.32 13.11
N TYR A 46 -9.84 32.11 13.43
CA TYR A 46 -9.65 33.42 12.80
C TYR A 46 -9.37 33.28 11.30
N VAL A 47 -8.98 32.09 10.82
CA VAL A 47 -8.68 31.98 9.39
CA VAL A 47 -8.68 31.83 9.42
C VAL A 47 -9.96 31.99 8.57
N LEU A 48 -11.11 31.71 9.17
CA LEU A 48 -12.36 31.72 8.41
C LEU A 48 -12.74 33.13 8.03
N THR A 49 -13.13 33.34 6.78
CA THR A 49 -13.60 34.63 6.31
C THR A 49 -14.92 34.44 5.57
N TYR A 50 -15.65 35.54 5.41
CA TYR A 50 -17.03 35.55 4.93
C TYR A 50 -17.23 36.76 4.04
N ALA A 51 -17.74 36.53 2.83
CA ALA A 51 -18.11 37.58 1.91
C ALA A 51 -19.31 37.07 1.11
N ASP A 52 -20.07 38.01 0.59
CA ASP A 52 -21.15 37.73 -0.35
C ASP A 52 -20.47 37.44 -1.71
N ARG A 53 -20.42 36.17 -2.04
CA ARG A 53 -19.74 35.70 -3.26
C ARG A 53 -20.79 35.22 -4.24
N GLY A 54 -20.83 35.83 -5.42
CA GLY A 54 -21.97 35.59 -6.33
C GLY A 54 -22.14 34.12 -6.61
N PHE A 55 -23.38 33.66 -6.49
CA PHE A 55 -23.82 32.31 -6.81
C PHE A 55 -23.35 31.25 -5.80
N SER A 56 -22.69 31.69 -4.72
CA SER A 56 -22.41 30.84 -3.58
C SER A 56 -23.53 31.11 -2.57
N GLY A 57 -24.49 30.20 -2.51
CA GLY A 57 -25.73 30.44 -1.76
C GLY A 57 -25.65 29.90 -0.34
N ASN A 58 -26.75 30.04 0.36
CA ASN A 58 -26.78 30.05 1.81
C ASN A 58 -27.75 29.03 2.34
N PRO A 59 -27.39 28.30 3.40
CA PRO A 59 -28.40 27.49 4.11
C PRO A 59 -29.60 28.34 4.47
N TYR A 60 -30.80 27.76 4.41
CA TYR A 60 -31.97 28.48 4.89
C TYR A 60 -31.72 29.07 6.28
N ALA A 61 -31.05 28.31 7.13
CA ALA A 61 -30.78 28.72 8.51
C ALA A 61 -29.86 29.91 8.65
N ALA A 62 -29.13 30.29 7.60
CA ALA A 62 -28.35 31.53 7.61
C ALA A 62 -29.21 32.78 7.44
N GLY A 63 -30.51 32.61 7.17
CA GLY A 63 -31.43 33.74 7.10
C GLY A 63 -31.02 34.67 5.95
N MET A 64 -30.86 35.94 6.26
CA MET A 64 -30.50 36.97 5.29
C MET A 64 -29.01 37.18 5.15
N ASP A 65 -28.19 36.33 5.79
CA ASP A 65 -26.74 36.47 5.74
C ASP A 65 -26.19 35.78 4.49
N ARG A 66 -25.97 36.56 3.44
CA ARG A 66 -25.50 36.04 2.15
C ARG A 66 -24.02 35.71 2.15
N THR A 67 -23.34 36.02 3.25
CA THR A 67 -21.91 35.81 3.35
C THR A 67 -21.56 34.41 3.87
N TYR A 68 -22.56 33.60 4.18
CA TYR A 68 -22.35 32.26 4.75
CA TYR A 68 -22.36 32.27 4.76
C TYR A 68 -22.70 31.19 3.74
N SER A 69 -21.71 30.51 3.19
CA SER A 69 -21.97 29.52 2.16
C SER A 69 -21.09 28.30 2.28
N LEU A 70 -21.68 27.13 2.22
CA LEU A 70 -20.91 25.89 2.16
C LEU A 70 -20.29 25.63 0.80
N ASP A 71 -20.58 26.49 -0.18
CA ASP A 71 -19.83 26.50 -1.45
C ASP A 71 -18.49 27.21 -1.29
N ALA A 72 -18.25 27.90 -0.17
CA ALA A 72 -16.98 28.58 0.09
C ALA A 72 -16.24 28.03 1.29
N LEU A 73 -16.95 27.67 2.36
CA LEU A 73 -16.31 27.38 3.65
C LEU A 73 -15.61 26.04 3.65
N PRO A 74 -14.51 25.94 4.42
CA PRO A 74 -13.78 24.67 4.53
C PRO A 74 -14.45 23.72 5.49
N GLN A 75 -14.53 22.46 5.10
CA GLN A 75 -15.35 21.46 5.80
C GLN A 75 -14.64 20.15 6.04
N GLU A 76 -14.97 19.49 7.16
CA GLU A 76 -14.44 18.16 7.43
C GLU A 76 -14.98 17.07 6.51
N TYR A 77 -16.24 17.17 6.14
CA TYR A 77 -16.91 16.10 5.41
C TYR A 77 -18.04 16.68 4.54
N PRO A 78 -17.67 17.38 3.47
CA PRO A 78 -18.64 18.04 2.63
C PRO A 78 -19.53 17.03 1.90
N SER A 79 -20.73 17.45 1.54
CA SER A 79 -21.68 16.49 0.99
C SER A 79 -22.53 17.12 -0.08
N LEU A 80 -23.15 16.28 -0.90
CA LEU A 80 -24.07 16.73 -1.92
C LEU A 80 -25.39 17.02 -1.24
N GLY A 81 -25.84 18.27 -1.28
CA GLY A 81 -27.06 18.67 -0.60
C GLY A 81 -26.92 19.79 0.41
N THR A 82 -25.80 20.51 0.40
CA THR A 82 -25.58 21.65 1.28
C THR A 82 -25.52 23.00 0.52
N GLY A 83 -25.64 22.97 -0.79
CA GLY A 83 -25.35 24.16 -1.61
C GLY A 83 -23.89 24.27 -2.07
N ASP A 84 -23.04 23.36 -1.61
CA ASP A 84 -21.63 23.26 -2.06
C ASP A 84 -21.61 22.64 -3.43
N TYR A 85 -20.93 23.32 -4.36
CA TYR A 85 -20.81 22.83 -5.74
C TYR A 85 -19.47 22.20 -6.09
N ARG A 86 -18.57 22.13 -5.13
CA ARG A 86 -17.26 21.48 -5.31
C ARG A 86 -17.37 19.95 -5.33
N ASN A 87 -16.28 19.25 -5.60
CA ASN A 87 -16.29 17.82 -5.35
C ASN A 87 -16.64 17.61 -3.89
N ILE A 88 -17.43 16.56 -3.62
CA ILE A 88 -17.91 16.32 -2.28
C ILE A 88 -17.55 14.90 -1.80
N ALA A 89 -17.70 14.69 -0.50
CA ALA A 89 -17.33 13.44 0.16
C ALA A 89 -18.47 12.47 0.27
N LEU A 90 -19.70 12.94 0.36
CA LEU A 90 -20.81 12.04 0.65
C LEU A 90 -21.99 12.36 -0.24
N ASN A 91 -22.60 11.31 -0.79
CA ASN A 91 -23.87 11.38 -1.51
C ASN A 91 -24.73 10.19 -1.08
N ILE A 92 -25.88 10.49 -0.53
CA ILE A 92 -26.90 9.51 -0.08
C ILE A 92 -28.12 9.71 -0.94
N LYS A 93 -28.68 8.61 -1.46
CA LYS A 93 -29.97 8.68 -2.16
C LYS A 93 -30.98 8.02 -1.23
N ASN A 94 -31.98 8.80 -0.79
CA ASN A 94 -32.79 8.40 0.35
C ASN A 94 -33.90 7.50 -0.12
N GLU A 95 -34.78 7.17 0.84
CA GLU A 95 -35.83 6.17 0.65
C GLU A 95 -36.87 6.65 -0.38
N LYS A 96 -36.93 7.96 -0.62
CA LYS A 96 -37.76 8.55 -1.67
C LYS A 96 -37.04 8.86 -3.01
N GLY A 97 -35.74 8.54 -3.20
CA GLY A 97 -35.05 8.80 -4.49
C GLY A 97 -34.24 10.13 -4.57
N VAL A 98 -34.20 10.83 -3.47
CA VAL A 98 -33.61 12.17 -3.40
C VAL A 98 -32.13 12.01 -3.03
N GLU A 99 -31.25 12.59 -3.84
CA GLU A 99 -29.81 12.61 -3.57
C GLU A 99 -29.55 13.85 -2.74
N SER A 100 -29.44 13.72 -1.43
CA SER A 100 -29.18 14.85 -0.55
C SER A 100 -28.69 14.39 0.81
N ALA A 101 -27.69 15.08 1.35
CA ALA A 101 -27.20 14.88 2.69
C ALA A 101 -26.68 16.23 3.13
N ASP A 102 -27.16 16.71 4.25
CA ASP A 102 -26.87 18.05 4.72
C ASP A 102 -26.64 17.84 6.24
N LEU A 103 -25.39 17.67 6.62
CA LEU A 103 -25.07 17.06 7.93
C LEU A 103 -24.79 18.09 9.00
N LEU A 104 -25.47 17.95 10.13
CA LEU A 104 -25.32 18.86 11.26
C LEU A 104 -24.87 18.09 12.49
N PHE A 105 -24.10 18.75 13.31
CA PHE A 105 -23.51 18.14 14.51
C PHE A 105 -24.57 17.67 15.49
N LYS A 106 -24.38 16.46 16.01
CA LYS A 106 -25.20 15.92 17.08
C LYS A 106 -24.46 15.69 18.38
N SER A 107 -23.30 15.05 18.36
CA SER A 107 -22.60 14.65 19.59
C SER A 107 -21.17 14.24 19.27
N TYR A 108 -20.40 13.98 20.32
CA TYR A 108 -19.05 13.45 20.13
C TYR A 108 -18.66 12.58 21.32
N GLU A 109 -17.57 11.84 21.15
CA GLU A 109 -16.90 11.19 22.24
C GLU A 109 -15.42 11.17 21.97
N ILE A 110 -14.61 11.34 23.00
CA ILE A 110 -13.16 11.13 22.97
C ILE A 110 -12.86 9.87 23.77
N ARG A 111 -12.15 8.92 23.19
CA ARG A 111 -11.84 7.64 23.82
C ARG A 111 -10.35 7.40 23.77
N ASN A 112 -9.81 6.73 24.78
CA ASN A 112 -8.44 6.29 24.69
C ASN A 112 -8.35 5.10 23.74
N GLY A 113 -7.24 4.98 23.04
CA GLY A 113 -7.04 3.87 22.13
C GLY A 113 -7.47 4.23 20.72
N LYS A 114 -7.38 3.20 19.88
CA LYS A 114 -7.58 3.36 18.43
C LYS A 114 -8.73 2.48 17.97
N TYR A 115 -9.75 3.10 17.37
CA TYR A 115 -10.92 2.38 16.85
C TYR A 115 -10.51 1.27 15.88
N ARG A 116 -11.34 0.24 15.78
N ARG A 116 -11.38 0.26 15.79
CA ARG A 116 -11.22 -0.80 14.78
CA ARG A 116 -11.30 -0.88 14.88
C ARG A 116 -12.41 -0.71 13.86
C ARG A 116 -12.44 -0.74 13.88
N LEU A 117 -12.31 -1.35 12.71
CA LEU A 117 -13.34 -1.30 11.68
C LEU A 117 -13.90 -2.68 11.39
N GLN A 118 -15.23 -2.76 11.30
CA GLN A 118 -15.88 -4.06 11.11
CA GLN A 118 -15.92 -4.03 11.09
C GLN A 118 -15.56 -4.63 9.73
N GLY A 119 -14.94 -5.80 9.74
CA GLY A 119 -14.62 -6.53 8.52
C GLY A 119 -13.48 -5.99 7.67
N LEU A 120 -12.72 -5.02 8.21
CA LEU A 120 -11.72 -4.30 7.42
C LEU A 120 -10.43 -4.15 8.18
N PRO A 121 -9.32 -4.12 7.45
CA PRO A 121 -8.05 -3.73 8.04
C PRO A 121 -8.11 -2.27 8.52
N ALA A 122 -7.31 -1.94 9.51
CA ALA A 122 -7.18 -0.55 9.98
C ALA A 122 -5.94 -0.45 10.85
N VAL A 123 -5.37 0.71 10.92
CA VAL A 123 -4.33 1.04 11.89
C VAL A 123 -4.76 0.61 13.29
N TRP A 124 -3.82 0.06 14.05
CA TRP A 124 -4.09 -0.34 15.42
C TRP A 124 -3.00 0.19 16.33
N ALA A 125 -3.35 0.35 17.61
CA ALA A 125 -2.43 0.87 18.60
C ALA A 125 -3.04 0.60 19.95
N ASP A 126 -2.29 0.89 20.99
CA ASP A 126 -2.85 0.70 22.34
C ASP A 126 -3.42 1.97 22.93
N GLU A 127 -4.02 1.88 24.12
CA GLU A 127 -4.67 3.04 24.74
C GLU A 127 -3.75 4.15 25.20
N LYS A 128 -2.47 3.83 25.35
CA LYS A 128 -1.48 4.85 25.66
C LYS A 128 -0.94 5.53 24.42
N GLU A 129 -0.93 4.82 23.28
CA GLU A 129 -0.32 5.32 22.04
C GLU A 129 -1.28 6.15 21.20
N ALA A 130 -2.58 5.98 21.45
CA ALA A 130 -3.58 6.54 20.55
C ALA A 130 -4.78 7.04 21.31
N GLN A 131 -5.48 8.00 20.70
CA GLN A 131 -6.83 8.35 21.11
C GLN A 131 -7.70 8.41 19.87
N THR A 132 -8.98 8.30 20.12
CA THR A 132 -10.01 8.36 19.08
C THR A 132 -11.03 9.44 19.36
N LEU A 133 -11.39 10.21 18.37
CA LEU A 133 -12.51 11.13 18.38
C LEU A 133 -13.56 10.60 17.47
N GLU A 134 -14.78 10.43 17.97
CA GLU A 134 -15.92 10.06 17.15
C GLU A 134 -16.91 11.20 17.19
N ILE A 135 -17.21 11.83 16.05
CA ILE A 135 -18.20 12.90 15.96
C ILE A 135 -19.40 12.35 15.22
N VAL A 136 -20.58 12.56 15.77
CA VAL A 136 -21.84 12.15 15.13
C VAL A 136 -22.50 13.37 14.53
N LEU A 137 -22.78 13.27 13.22
CA LEU A 137 -23.56 14.25 12.47
C LEU A 137 -24.81 13.57 11.94
N ALA A 138 -25.82 14.33 11.58
CA ALA A 138 -27.06 13.74 11.09
C ALA A 138 -27.78 14.70 10.16
N ASP A 139 -28.58 14.10 9.29
CA ASP A 139 -29.55 14.81 8.45
C ASP A 139 -30.90 14.14 8.68
N GLU A 140 -31.82 14.88 9.28
CA GLU A 140 -33.16 14.38 9.63
C GLU A 140 -34.06 14.09 8.42
N ASN A 141 -33.79 14.73 7.29
CA ASN A 141 -34.56 14.51 6.05
C ASN A 141 -34.07 13.36 5.18
N ALA A 142 -32.78 13.19 5.12
CA ALA A 142 -32.18 12.07 4.49
C ALA A 142 -32.39 10.84 5.40
N GLN A 143 -32.57 11.10 6.69
CA GLN A 143 -32.59 10.08 7.76
C GLN A 143 -31.31 9.23 7.71
N VAL A 144 -30.19 9.95 7.77
CA VAL A 144 -28.88 9.34 7.86
C VAL A 144 -28.16 9.94 9.05
N GLU A 145 -27.32 9.11 9.66
CA GLU A 145 -26.47 9.49 10.77
C GLU A 145 -25.05 9.11 10.36
N VAL A 146 -24.12 10.05 10.47
CA VAL A 146 -22.76 9.87 10.00
C VAL A 146 -21.80 10.01 11.17
N HIS A 147 -21.00 8.98 11.40
CA HIS A 147 -20.01 8.94 12.46
C HIS A 147 -18.65 9.12 11.87
N LEU A 148 -18.02 10.27 12.13
CA LEU A 148 -16.67 10.53 11.69
C LEU A 148 -15.71 10.08 12.75
N LEU A 149 -14.76 9.22 12.37
CA LEU A 149 -13.75 8.69 13.27
C LEU A 149 -12.41 9.28 12.96
N TYR A 150 -11.75 9.82 13.99
CA TYR A 150 -10.39 10.36 13.88
C TYR A 150 -9.53 9.62 14.86
N GLY A 151 -8.47 8.99 14.37
CA GLY A 151 -7.52 8.32 15.20
C GLY A 151 -6.25 9.10 15.29
N VAL A 152 -5.71 9.32 16.48
CA VAL A 152 -4.52 10.18 16.66
C VAL A 152 -3.40 9.34 17.24
N LEU A 153 -2.30 9.18 16.49
CA LEU A 153 -1.13 8.41 16.93
C LEU A 153 0.00 9.45 17.08
N GLU A 154 0.17 9.97 18.29
CA GLU A 154 1.05 11.11 18.53
C GLU A 154 2.47 10.93 18.04
N GLU A 155 3.10 9.84 18.45
CA GLU A 155 4.53 9.70 18.18
C GLU A 155 4.80 9.58 16.69
N ASN A 156 3.84 8.99 16.00
CA ASN A 156 3.94 8.75 14.57
CA ASN A 156 3.91 8.73 14.57
C ASN A 156 3.56 9.93 13.67
N ASP A 157 3.01 10.98 14.27
CA ASP A 157 2.52 12.13 13.52
C ASP A 157 1.50 11.74 12.49
N VAL A 158 0.63 10.81 12.88
CA VAL A 158 -0.41 10.27 12.03
C VAL A 158 -1.79 10.59 12.62
N ILE A 159 -2.68 10.98 11.74
CA ILE A 159 -4.11 11.10 12.02
C ILE A 159 -4.85 10.21 11.03
N THR A 160 -5.63 9.26 11.51
CA THR A 160 -6.44 8.42 10.64
C THR A 160 -7.88 8.92 10.58
N ARG A 161 -8.58 8.63 9.50
CA ARG A 161 -9.97 8.96 9.39
C ARG A 161 -10.74 7.80 8.80
N SER A 162 -11.92 7.56 9.34
CA SER A 162 -12.89 6.63 8.78
C SER A 162 -14.28 7.19 9.01
N VAL A 163 -15.30 6.47 8.56
CA VAL A 163 -16.68 6.97 8.60
C VAL A 163 -17.58 5.74 8.75
N ARG A 164 -18.60 5.88 9.60
CA ARG A 164 -19.70 4.91 9.65
C ARG A 164 -20.98 5.64 9.33
N ILE A 165 -21.75 5.08 8.41
CA ILE A 165 -23.00 5.70 7.97
C ILE A 165 -24.18 4.80 8.34
N LYS A 166 -25.15 5.37 9.04
CA LYS A 166 -26.30 4.60 9.56
C LYS A 166 -27.58 5.16 8.92
N ASN A 167 -28.44 4.23 8.48
CA ASN A 167 -29.79 4.58 8.05
C ASN A 167 -30.71 4.60 9.26
N THR A 168 -31.20 5.78 9.62
CA THR A 168 -32.08 5.94 10.76
C THR A 168 -33.55 6.00 10.39
N GLY A 169 -33.89 5.86 9.10
CA GLY A 169 -35.28 5.85 8.67
C GLY A 169 -35.83 4.45 8.51
N THR A 170 -37.05 4.38 7.98
CA THR A 170 -37.72 3.10 7.80
C THR A 170 -37.44 2.47 6.42
N GLY A 171 -37.27 3.28 5.39
CA GLY A 171 -37.04 2.76 4.04
C GLY A 171 -35.55 2.61 3.76
N GLN A 172 -35.24 1.80 2.76
CA GLN A 172 -33.86 1.60 2.32
C GLN A 172 -33.28 2.86 1.71
N ILE A 173 -32.01 3.14 2.02
CA ILE A 173 -31.26 4.20 1.33
C ILE A 173 -30.14 3.55 0.56
N THR A 174 -29.55 4.27 -0.39
CA THR A 174 -28.29 3.83 -0.98
C THR A 174 -27.19 4.88 -0.80
N ILE A 175 -26.02 4.37 -0.50
CA ILE A 175 -24.82 5.20 -0.40
C ILE A 175 -24.25 5.28 -1.80
N GLU A 176 -24.18 6.48 -2.38
CA GLU A 176 -23.75 6.65 -3.76
C GLU A 176 -22.31 7.14 -3.86
N LYS A 177 -21.82 7.89 -2.88
CA LYS A 177 -20.43 8.27 -2.76
C LYS A 177 -20.09 8.34 -1.29
N ALA A 178 -18.95 7.79 -0.90
CA ALA A 178 -18.46 7.92 0.44
C ALA A 178 -16.94 7.97 0.46
N ALA A 179 -16.39 9.17 0.62
CA ALA A 179 -14.99 9.35 0.91
C ALA A 179 -14.68 9.07 2.35
N ALA A 180 -13.42 8.82 2.66
CA ALA A 180 -13.00 8.67 4.06
C ALA A 180 -12.46 9.98 4.63
N ALA A 181 -11.80 10.80 3.81
CA ALA A 181 -11.09 11.98 4.28
C ALA A 181 -11.23 13.11 3.30
N CYS A 182 -11.30 14.32 3.84
CA CYS A 182 -11.35 15.56 3.08
C CYS A 182 -10.42 16.53 3.79
N LEU A 183 -9.51 17.16 3.04
CA LEU A 183 -8.75 18.31 3.51
C LEU A 183 -9.12 19.51 2.70
N ASP A 184 -9.63 20.53 3.35
CA ASP A 184 -9.95 21.82 2.74
C ASP A 184 -8.97 22.88 3.18
N PHE A 185 -8.25 23.45 2.23
CA PHE A 185 -7.28 24.52 2.39
C PHE A 185 -7.89 25.78 1.88
N VAL A 186 -7.95 26.80 2.71
CA VAL A 186 -8.39 28.12 2.29
C VAL A 186 -7.36 28.88 1.46
N GLN A 187 -6.12 28.43 1.50
CA GLN A 187 -5.07 29.04 0.70
CA GLN A 187 -4.98 29.10 0.83
C GLN A 187 -3.94 28.06 0.46
N GLY A 188 -3.17 28.37 -0.57
CA GLY A 188 -1.92 27.63 -0.87
C GLY A 188 -1.85 27.21 -2.29
N GLU A 189 -0.63 27.18 -2.80
CA GLU A 189 -0.33 26.65 -4.13
CA GLU A 189 -0.32 26.67 -4.13
C GLU A 189 0.30 25.29 -3.93
N PHE A 190 -0.19 24.28 -4.65
CA PHE A 190 0.19 22.89 -4.42
C PHE A 190 0.49 22.17 -5.70
N ASP A 191 1.30 21.14 -5.56
CA ASP A 191 1.50 20.10 -6.54
C ASP A 191 0.80 18.80 -6.03
N VAL A 192 0.36 17.98 -6.98
CA VAL A 192 -0.20 16.67 -6.67
C VAL A 192 0.74 15.59 -7.15
N LEU A 193 1.20 14.74 -6.22
CA LEU A 193 2.02 13.60 -6.49
C LEU A 193 1.12 12.36 -6.45
N ARG A 194 1.17 11.59 -7.52
CA ARG A 194 0.45 10.33 -7.62
C ARG A 194 1.32 9.30 -8.28
N PHE A 195 0.94 8.04 -8.15
CA PHE A 195 1.78 6.92 -8.46
C PHE A 195 1.05 6.05 -9.46
N TYR A 196 1.41 6.19 -10.74
CA TYR A 196 0.68 5.60 -11.85
C TYR A 196 1.50 4.54 -12.49
N GLY A 197 0.84 3.64 -13.20
CA GLY A 197 1.58 2.67 -14.00
C GLY A 197 0.69 1.71 -14.73
N LYS A 198 1.22 0.52 -14.92
CA LYS A 198 0.63 -0.54 -15.69
C LYS A 198 1.13 -1.86 -15.10
N HIS A 199 0.58 -2.98 -15.57
CA HIS A 199 1.17 -4.25 -15.22
C HIS A 199 2.65 -4.24 -15.60
N ALA A 200 3.49 -4.70 -14.68
CA ALA A 200 4.95 -4.80 -14.86
C ALA A 200 5.64 -3.43 -14.96
N MET A 201 4.97 -2.36 -14.53
CA MET A 201 5.64 -1.07 -14.37
C MET A 201 4.77 -0.16 -13.53
N GLU A 202 4.69 -0.49 -12.24
CA GLU A 202 3.81 0.18 -11.31
C GLU A 202 4.47 1.39 -10.65
N ARG A 203 3.63 2.32 -10.22
CA ARG A 203 3.98 3.32 -9.24
C ARG A 203 5.10 4.26 -9.70
N ASN A 204 5.08 4.62 -10.98
CA ASN A 204 5.84 5.76 -11.45
C ASN A 204 5.38 7.02 -10.78
N LEU A 205 6.29 7.87 -10.36
CA LEU A 205 5.89 9.17 -9.80
C LEU A 205 5.47 10.15 -10.88
N GLU A 206 4.27 10.73 -10.75
CA GLU A 206 3.83 11.86 -11.52
C GLU A 206 3.61 12.99 -10.55
N ARG A 207 4.32 14.09 -10.72
CA ARG A 207 4.17 15.30 -9.92
C ARG A 207 3.86 16.45 -10.85
N THR A 208 2.71 17.06 -10.68
CA THR A 208 2.33 18.23 -11.48
C THR A 208 1.74 19.29 -10.58
N PRO A 209 1.84 20.57 -10.95
CA PRO A 209 1.06 21.59 -10.25
CA PRO A 209 1.08 21.59 -10.24
C PRO A 209 -0.42 21.32 -10.32
N LEU A 210 -1.13 21.70 -9.28
CA LEU A 210 -2.59 21.65 -9.31
C LEU A 210 -3.11 22.95 -9.90
N GLY A 211 -3.52 22.89 -11.17
CA GLY A 211 -4.20 23.99 -11.79
C GLY A 211 -5.67 24.01 -11.42
N HIS A 212 -6.33 25.08 -11.80
CA HIS A 212 -7.77 25.19 -11.61
C HIS A 212 -8.49 24.03 -12.26
N GLY A 213 -9.45 23.49 -11.53
CA GLY A 213 -10.11 22.24 -11.89
C GLY A 213 -9.65 21.14 -11.00
N THR A 214 -9.89 19.90 -11.42
CA THR A 214 -9.63 18.74 -10.63
C THR A 214 -8.54 17.88 -11.26
N ILE A 215 -7.62 17.37 -10.45
CA ILE A 215 -6.79 16.23 -10.83
C ILE A 215 -7.40 15.04 -10.11
N ALA A 216 -7.74 14.00 -10.83
CA ALA A 216 -8.43 12.84 -10.27
C ALA A 216 -7.81 11.57 -10.78
N PHE A 217 -7.93 10.54 -9.99
CA PHE A 217 -7.50 9.20 -10.38
C PHE A 217 -8.20 8.21 -9.47
N GLY A 218 -8.22 6.95 -9.83
CA GLY A 218 -8.98 5.97 -9.07
C GLY A 218 -8.87 4.61 -9.71
N SER A 219 -9.67 3.70 -9.18
CA SER A 219 -9.80 2.35 -9.71
C SER A 219 -11.26 1.89 -9.62
N ARG A 220 -11.76 1.33 -10.71
CA ARG A 220 -13.00 0.52 -10.66
C ARG A 220 -12.72 -0.90 -11.12
N ARG A 221 -11.51 -1.36 -10.90
CA ARG A 221 -11.08 -2.71 -11.27
C ARG A 221 -11.42 -3.79 -10.24
N GLY A 222 -12.03 -3.38 -9.13
CA GLY A 222 -12.29 -4.28 -8.00
C GLY A 222 -11.10 -4.43 -7.08
N THR A 223 -10.01 -3.72 -7.40
CA THR A 223 -8.70 -3.84 -6.79
C THR A 223 -8.12 -2.43 -6.64
N SER A 224 -7.14 -2.27 -5.77
CA SER A 224 -6.47 -0.97 -5.64
C SER A 224 -5.74 -0.59 -6.93
N SER A 225 -5.13 -1.56 -7.60
CA SER A 225 -4.74 -1.53 -9.01
C SER A 225 -3.25 -1.27 -9.24
N HIS A 226 -2.78 -1.71 -10.41
CA HIS A 226 -1.46 -1.34 -10.94
C HIS A 226 -1.45 0.09 -11.46
N GLN A 227 -2.59 0.55 -11.93
CA GLN A 227 -2.66 1.77 -12.74
C GLN A 227 -2.54 3.02 -11.93
N TYR A 228 -3.16 3.05 -10.76
CA TYR A 228 -3.08 4.21 -9.85
C TYR A 228 -3.12 3.68 -8.46
N ASN A 229 -2.11 3.97 -7.65
CA ASN A 229 -2.13 3.47 -6.26
C ASN A 229 -3.03 4.37 -5.44
N PRO A 230 -3.72 3.85 -4.42
CA PRO A 230 -4.64 4.64 -3.59
C PRO A 230 -3.90 5.48 -2.53
N ALA A 231 -3.15 6.46 -3.04
CA ALA A 231 -2.20 7.26 -2.26
C ALA A 231 -2.04 8.59 -2.96
N VAL A 232 -1.88 9.67 -2.19
CA VAL A 232 -1.67 10.97 -2.80
C VAL A 232 -0.84 11.80 -1.86
N ILE A 233 0.07 12.61 -2.43
CA ILE A 233 0.75 13.66 -1.66
C ILE A 233 0.38 15.00 -2.26
N LEU A 234 -0.07 15.90 -1.40
CA LEU A 234 -0.33 17.30 -1.76
C LEU A 234 0.86 18.07 -1.20
N ALA A 235 1.77 18.48 -2.07
CA ALA A 235 3.00 19.18 -1.65
C ALA A 235 2.86 20.65 -1.93
N GLU A 236 3.12 21.50 -0.95
CA GLU A 236 3.16 22.92 -1.26
CA GLU A 236 3.20 22.94 -1.22
C GLU A 236 4.21 23.17 -2.34
N LYS A 237 3.91 24.09 -3.23
CA LYS A 237 4.85 24.46 -4.28
C LYS A 237 6.23 24.73 -3.67
N GLY A 238 7.23 24.13 -4.28
CA GLY A 238 8.60 24.27 -3.82
C GLY A 238 9.10 23.21 -2.86
N THR A 239 8.20 22.35 -2.37
CA THR A 239 8.60 21.31 -1.42
C THR A 239 9.49 20.31 -2.11
N THR A 240 10.55 19.91 -1.40
CA THR A 240 11.54 18.98 -1.89
C THR A 240 11.57 17.74 -0.99
N GLU A 241 12.53 16.86 -1.18
CA GLU A 241 12.72 15.76 -0.28
C GLU A 241 13.05 16.18 1.12
N THR A 242 13.65 17.34 1.30
CA THR A 242 14.20 17.71 2.62
C THR A 242 13.68 19.02 3.17
N ALA A 243 12.73 19.66 2.51
CA ALA A 243 12.14 20.88 3.05
C ALA A 243 10.76 21.11 2.49
N GLY A 244 9.94 21.82 3.25
CA GLY A 244 8.67 22.30 2.85
C GLY A 244 7.50 21.44 3.30
N SER A 245 6.33 22.03 3.30
CA SER A 245 5.10 21.39 3.75
C SER A 245 4.59 20.39 2.74
N CYS A 246 4.09 19.29 3.24
CA CYS A 246 3.45 18.29 2.42
C CYS A 246 2.52 17.45 3.25
N TYR A 247 1.47 16.97 2.59
CA TYR A 247 0.35 16.27 3.21
C TYR A 247 0.15 14.95 2.49
N GLY A 248 -0.01 13.86 3.21
CA GLY A 248 -0.33 12.58 2.61
C GLY A 248 -1.73 12.08 2.96
N MET A 249 -2.30 11.31 2.05
CA MET A 249 -3.45 10.48 2.33
C MET A 249 -3.19 9.12 1.72
N LEU A 250 -3.37 8.07 2.53
CA LEU A 250 -3.14 6.70 2.11
C LEU A 250 -4.36 5.86 2.43
N PHE A 251 -4.95 5.18 1.47
CA PHE A 251 -6.19 4.44 1.71
C PHE A 251 -5.84 3.03 2.16
N VAL A 252 -6.35 2.61 3.32
CA VAL A 252 -6.06 1.30 3.88
C VAL A 252 -7.09 0.34 3.28
N TYR A 253 -6.97 0.06 2.00
CA TYR A 253 -8.04 -0.61 1.28
C TYR A 253 -7.53 -1.15 -0.03
N SER A 254 -8.03 -2.33 -0.37
CA SER A 254 -7.54 -3.11 -1.50
C SER A 254 -8.52 -3.23 -2.63
N GLY A 255 -9.62 -2.51 -2.57
CA GLY A 255 -10.61 -2.45 -3.59
C GLY A 255 -10.65 -1.11 -4.32
N ASN A 256 -11.83 -0.73 -4.80
CA ASN A 256 -12.01 0.46 -5.62
C ASN A 256 -11.82 1.73 -4.80
N PHE A 257 -11.39 2.80 -5.46
CA PHE A 257 -11.14 4.07 -4.79
C PHE A 257 -11.23 5.17 -5.80
N SER A 258 -11.38 6.40 -5.26
CA SER A 258 -11.27 7.65 -6.03
CA SER A 258 -11.10 7.58 -6.06
C SER A 258 -10.45 8.65 -5.21
N CYS A 259 -9.59 9.39 -5.87
CA CYS A 259 -8.88 10.53 -5.29
C CYS A 259 -9.18 11.75 -6.16
N GLU A 260 -9.55 12.86 -5.55
CA GLU A 260 -9.83 14.11 -6.25
C GLU A 260 -9.11 15.25 -5.52
N ALA A 261 -8.34 16.03 -6.27
CA ALA A 261 -7.73 17.27 -5.79
C ALA A 261 -8.21 18.39 -6.67
N GLU A 262 -8.78 19.43 -6.10
CA GLU A 262 -9.38 20.50 -6.87
C GLU A 262 -8.97 21.86 -6.36
N LYS A 263 -8.58 22.73 -7.28
CA LYS A 263 -8.34 24.13 -6.96
CA LYS A 263 -8.34 24.13 -6.98
C LYS A 263 -9.55 24.89 -7.50
N ASP A 264 -10.24 25.60 -6.61
CA ASP A 264 -11.52 26.21 -6.88
C ASP A 264 -11.48 27.69 -7.26
N GLN A 265 -12.68 28.23 -7.45
CA GLN A 265 -12.90 29.58 -7.91
C GLN A 265 -12.35 30.66 -7.01
N PHE A 266 -12.12 30.34 -5.74
CA PHE A 266 -11.59 31.26 -4.76
C PHE A 266 -10.16 30.90 -4.39
N ASN A 267 -9.50 30.10 -5.24
CA ASN A 267 -8.11 29.68 -5.04
C ASN A 267 -7.92 28.80 -3.82
N GLN A 268 -8.98 28.10 -3.42
CA GLN A 268 -8.93 27.14 -2.33
C GLN A 268 -8.70 25.76 -2.87
N THR A 269 -8.21 24.85 -2.04
CA THR A 269 -7.91 23.50 -2.48
C THR A 269 -8.65 22.48 -1.64
N ARG A 270 -9.31 21.53 -2.30
CA ARG A 270 -9.99 20.43 -1.62
C ARG A 270 -9.38 19.11 -2.07
N LEU A 271 -8.99 18.28 -1.13
CA LEU A 271 -8.42 16.97 -1.40
C LEU A 271 -9.29 15.91 -0.77
N LEU A 272 -9.73 14.95 -1.58
CA LEU A 272 -10.59 13.85 -1.15
C LEU A 272 -9.95 12.53 -1.50
N LEU A 273 -10.12 11.54 -0.61
CA LEU A 273 -9.73 10.16 -0.88
C LEU A 273 -10.75 9.24 -0.23
N GLY A 274 -11.17 8.22 -0.95
CA GLY A 274 -12.08 7.22 -0.41
C GLY A 274 -12.59 6.28 -1.47
N LEU A 275 -13.77 5.72 -1.25
CA LEU A 275 -14.35 4.76 -2.20
C LEU A 275 -14.66 5.42 -3.52
N ASN A 276 -14.61 4.65 -4.60
CA ASN A 276 -15.06 5.14 -5.89
C ASN A 276 -16.58 5.31 -5.87
N GLU A 277 -17.08 6.35 -6.50
CA GLU A 277 -18.51 6.56 -6.72
CA GLU A 277 -18.53 6.50 -6.68
C GLU A 277 -19.03 5.59 -7.81
N GLU A 278 -18.16 5.20 -8.73
CA GLU A 278 -18.55 4.33 -9.85
CA GLU A 278 -18.54 4.33 -9.84
C GLU A 278 -18.75 2.91 -9.33
N LEU A 279 -19.79 2.26 -9.83
CA LEU A 279 -20.16 0.89 -9.45
C LEU A 279 -20.33 0.76 -7.94
N PHE A 280 -20.83 1.82 -7.33
CA PHE A 280 -21.03 1.89 -5.89
C PHE A 280 -22.38 2.56 -5.61
N SER A 281 -23.35 1.72 -5.29
CA SER A 281 -24.71 2.15 -4.94
CA SER A 281 -24.70 2.14 -4.93
C SER A 281 -25.13 1.17 -3.86
N TYR A 282 -24.72 1.47 -2.64
CA TYR A 282 -24.66 0.44 -1.60
C TYR A 282 -25.93 0.51 -0.77
N PRO A 283 -26.74 -0.57 -0.76
CA PRO A 283 -28.04 -0.49 -0.08
C PRO A 283 -27.87 -0.59 1.41
N LEU A 284 -28.61 0.20 2.16
CA LEU A 284 -28.56 0.15 3.59
C LEU A 284 -30.01 0.13 4.09
N ALA A 285 -30.38 -0.99 4.71
CA ALA A 285 -31.72 -1.14 5.27
C ALA A 285 -31.86 -0.32 6.55
N SER A 286 -33.12 -0.15 6.98
CA SER A 286 -33.41 0.53 8.20
C SER A 286 -32.56 0.02 9.34
N GLY A 287 -31.88 0.95 10.02
CA GLY A 287 -31.10 0.65 11.20
C GLY A 287 -29.72 0.08 10.96
N GLU A 288 -29.35 -0.15 9.70
CA GLU A 288 -28.07 -0.74 9.33
CA GLU A 288 -28.05 -0.74 9.40
C GLU A 288 -26.97 0.32 9.20
N THR A 289 -25.73 -0.11 9.39
CA THR A 289 -24.54 0.76 9.34
C THR A 289 -23.59 0.21 8.29
N PHE A 290 -22.98 1.15 7.56
CA PHE A 290 -21.93 0.89 6.58
C PHE A 290 -20.64 1.55 7.04
N THR A 291 -19.52 0.88 6.84
CA THR A 291 -18.22 1.38 7.21
C THR A 291 -17.36 1.72 6.00
N VAL A 292 -16.90 2.97 5.95
CA VAL A 292 -15.97 3.40 4.91
C VAL A 292 -14.56 2.97 5.37
N PRO A 293 -13.74 2.41 4.47
CA PRO A 293 -12.39 2.08 4.83
C PRO A 293 -11.56 3.32 5.24
N GLU A 294 -10.51 3.06 5.99
CA GLU A 294 -9.69 4.09 6.62
C GLU A 294 -8.72 4.76 5.67
N VAL A 295 -8.49 6.06 5.90
CA VAL A 295 -7.35 6.81 5.33
C VAL A 295 -6.41 7.20 6.41
N ILE A 296 -5.12 7.03 6.15
CA ILE A 296 -4.03 7.48 7.03
C ILE A 296 -3.52 8.81 6.50
N LEU A 297 -3.70 9.88 7.29
CA LEU A 297 -3.18 11.20 6.97
C LEU A 297 -1.90 11.44 7.73
N SER A 298 -0.98 12.20 7.12
CA SER A 298 0.16 12.69 7.82
C SER A 298 0.61 14.01 7.18
N TYR A 299 1.40 14.75 7.92
CA TYR A 299 1.91 16.05 7.51
C TYR A 299 3.38 16.10 7.87
N SER A 300 4.18 16.70 7.00
CA SER A 300 5.56 17.03 7.28
C SER A 300 5.80 18.49 6.92
N ALA A 301 6.50 19.19 7.80
CA ALA A 301 6.96 20.54 7.54
C ALA A 301 8.32 20.53 6.90
N GLU A 302 8.96 19.38 6.82
CA GLU A 302 10.37 19.18 6.53
CA GLU A 302 10.36 19.32 6.41
C GLU A 302 10.58 18.35 5.27
N GLY A 303 9.65 18.39 4.31
CA GLY A 303 9.85 17.65 3.06
C GLY A 303 9.29 16.24 2.97
N LEU A 304 9.45 15.69 1.78
CA LEU A 304 8.80 14.43 1.43
C LEU A 304 9.43 13.25 2.14
N SER A 305 10.72 13.31 2.41
CA SER A 305 11.41 12.16 3.02
C SER A 305 10.88 11.88 4.43
N ALA A 306 10.63 12.93 5.17
CA ALA A 306 10.08 12.78 6.53
C ALA A 306 8.68 12.24 6.47
N LEU A 307 7.87 12.72 5.51
CA LEU A 307 6.52 12.23 5.32
C LEU A 307 6.55 10.73 5.08
N SER A 308 7.39 10.29 4.16
CA SER A 308 7.46 8.87 3.88
C SER A 308 7.87 8.06 5.11
N GLN A 309 8.85 8.55 5.86
CA GLN A 309 9.31 7.86 7.06
C GLN A 309 8.20 7.69 8.08
N GLN A 310 7.34 8.68 8.20
CA GLN A 310 6.17 8.59 9.08
C GLN A 310 5.26 7.49 8.62
N TYR A 311 5.00 7.37 7.31
CA TYR A 311 4.23 6.25 6.79
C TYR A 311 4.90 4.92 7.01
N HIS A 312 6.21 4.84 6.78
CA HIS A 312 6.91 3.54 6.95
C HIS A 312 6.76 3.05 8.36
N ASN A 313 6.95 3.94 9.31
CA ASN A 313 6.85 3.60 10.73
CA ASN A 313 6.86 3.53 10.70
C ASN A 313 5.43 3.17 11.09
N CYS A 314 4.46 3.92 10.60
CA CYS A 314 3.08 3.58 10.87
C CYS A 314 2.70 2.23 10.31
N ILE A 315 3.10 1.95 9.08
CA ILE A 315 2.75 0.70 8.48
C ILE A 315 3.46 -0.47 9.16
N ARG A 316 4.76 -0.37 9.42
CA ARG A 316 5.46 -1.48 10.07
C ARG A 316 4.96 -1.75 11.48
N ASN A 317 4.65 -0.70 12.24
CA ASN A 317 4.40 -0.86 13.68
C ASN A 317 2.94 -0.77 14.06
N HIS A 318 2.08 -0.34 13.14
CA HIS A 318 0.65 -0.14 13.43
C HIS A 318 -0.28 -0.59 12.34
N VAL A 319 0.22 -1.26 11.31
CA VAL A 319 -0.64 -1.88 10.30
C VAL A 319 -0.29 -3.37 10.16
N CYS A 320 0.92 -3.69 9.75
CA CYS A 320 1.33 -5.08 9.63
CA CYS A 320 1.26 -5.09 9.61
C CYS A 320 1.20 -5.80 10.97
N ARG A 321 0.54 -6.93 11.00
CA ARG A 321 0.36 -7.70 12.23
C ARG A 321 1.29 -8.88 12.31
N SER A 322 2.01 -9.19 11.24
CA SER A 322 2.85 -10.39 11.21
C SER A 322 4.05 -10.34 12.13
N LYS A 323 4.35 -11.48 12.78
CA LYS A 323 5.57 -11.60 13.56
C LYS A 323 6.84 -11.30 12.76
N TYR A 324 6.76 -11.50 11.44
CA TYR A 324 7.92 -11.29 10.59
C TYR A 324 8.34 -9.85 10.39
N VAL A 325 7.56 -8.90 10.93
CA VAL A 325 8.04 -7.51 11.01
C VAL A 325 9.32 -7.39 11.88
N HIS A 326 9.45 -8.27 12.85
CA HIS A 326 10.50 -8.15 13.86
C HIS A 326 11.34 -9.41 13.95
N MET A 327 11.33 -10.20 12.87
CA MET A 327 12.07 -11.45 12.80
C MET A 327 12.75 -11.52 11.45
N GLN A 328 13.84 -12.28 11.40
CA GLN A 328 14.46 -12.64 10.12
CA GLN A 328 14.45 -12.61 10.11
C GLN A 328 13.44 -13.34 9.24
N ARG A 329 13.46 -13.04 7.95
CA ARG A 329 12.56 -13.66 6.97
CA ARG A 329 12.57 -13.70 7.00
C ARG A 329 13.42 -14.59 6.10
N PRO A 330 13.00 -15.84 5.91
CA PRO A 330 13.84 -16.76 5.15
C PRO A 330 14.09 -16.24 3.73
N VAL A 331 15.33 -16.36 3.29
CA VAL A 331 15.67 -16.01 1.91
C VAL A 331 15.15 -17.13 1.03
N LEU A 332 14.29 -16.79 0.07
CA LEU A 332 13.59 -17.80 -0.74
C LEU A 332 14.05 -17.81 -2.19
N ILE A 333 13.82 -18.94 -2.84
CA ILE A 333 13.88 -19.07 -4.29
C ILE A 333 12.53 -19.52 -4.80
N ASN A 334 12.03 -18.83 -5.82
CA ASN A 334 10.71 -19.02 -6.35
C ASN A 334 10.78 -19.68 -7.74
N SER A 335 9.92 -20.68 -7.95
CA SER A 335 9.99 -21.48 -9.18
C SER A 335 9.46 -20.82 -10.44
N TRP A 336 8.79 -19.67 -10.34
CA TRP A 336 8.06 -19.12 -11.49
C TRP A 336 8.94 -18.72 -12.67
N GLU A 337 9.80 -17.72 -12.54
CA GLU A 337 10.65 -17.43 -13.70
C GLU A 337 11.63 -18.59 -13.93
N ALA A 338 11.93 -19.39 -12.89
CA ALA A 338 12.87 -20.49 -13.04
C ALA A 338 12.34 -21.58 -13.95
N ALA A 339 11.07 -21.91 -13.84
CA ALA A 339 10.48 -23.06 -14.54
C ALA A 339 9.14 -22.85 -15.20
N TYR A 340 8.47 -21.75 -14.85
CA TYR A 340 7.10 -21.50 -15.27
C TYR A 340 6.25 -22.75 -14.93
N PHE A 341 5.53 -23.31 -15.90
CA PHE A 341 4.70 -24.49 -15.66
C PHE A 341 5.44 -25.80 -15.86
N ASP A 342 6.68 -25.72 -16.34
CA ASP A 342 7.44 -26.90 -16.78
C ASP A 342 8.35 -27.36 -15.64
N PHE A 343 7.72 -28.09 -14.70
CA PHE A 343 8.42 -28.66 -13.57
C PHE A 343 7.75 -29.95 -13.14
N THR A 344 8.50 -30.72 -12.36
CA THR A 344 8.00 -31.91 -11.68
C THR A 344 8.36 -31.82 -10.21
N GLY A 345 7.92 -32.78 -9.39
CA GLY A 345 8.38 -32.82 -8.03
C GLY A 345 9.90 -32.91 -7.97
N ASP A 346 10.49 -33.73 -8.83
CA ASP A 346 11.94 -33.87 -8.87
C ASP A 346 12.64 -32.54 -9.18
N THR A 347 12.08 -31.73 -10.12
N THR A 347 12.11 -31.74 -10.09
CA THR A 347 12.57 -30.34 -10.43
CA THR A 347 12.83 -30.54 -10.38
C THR A 347 12.64 -29.48 -9.22
C THR A 347 12.64 -29.45 -9.26
N ILE A 348 11.56 -29.54 -8.46
CA ILE A 348 11.43 -28.75 -7.26
C ILE A 348 12.48 -29.17 -6.21
N VAL A 349 12.66 -30.48 -6.02
CA VAL A 349 13.67 -30.95 -5.09
C VAL A 349 15.08 -30.55 -5.58
N ASP A 350 15.32 -30.63 -6.88
CA ASP A 350 16.62 -30.17 -7.46
C ASP A 350 16.86 -28.71 -7.19
N LEU A 351 15.83 -27.89 -7.33
CA LEU A 351 15.91 -26.49 -6.99
C LEU A 351 16.23 -26.30 -5.51
N ALA A 352 15.63 -27.10 -4.63
CA ALA A 352 15.95 -27.09 -3.20
C ALA A 352 17.42 -27.46 -2.90
N LYS A 353 17.92 -28.46 -3.62
CA LYS A 353 19.31 -28.93 -3.44
C LYS A 353 20.28 -27.84 -3.88
N GLU A 354 20.00 -27.26 -5.04
CA GLU A 354 20.86 -26.23 -5.56
CA GLU A 354 20.81 -26.16 -5.58
C GLU A 354 20.81 -25.01 -4.61
N ALA A 355 19.60 -24.64 -4.19
CA ALA A 355 19.48 -23.46 -3.38
C ALA A 355 20.11 -23.69 -2.01
N ALA A 356 19.97 -24.88 -1.43
CA ALA A 356 20.60 -25.21 -0.16
C ALA A 356 22.15 -25.06 -0.18
N SER A 357 22.76 -25.45 -1.29
CA SER A 357 24.20 -25.33 -1.45
C SER A 357 24.73 -23.88 -1.51
N LEU A 358 23.80 -22.94 -1.69
CA LEU A 358 24.12 -21.52 -1.84
C LEU A 358 23.77 -20.68 -0.62
N GLY A 359 23.09 -21.28 0.36
CA GLY A 359 22.68 -20.54 1.54
C GLY A 359 21.25 -19.97 1.49
N ILE A 360 20.47 -20.37 0.49
CA ILE A 360 19.05 -20.01 0.40
C ILE A 360 18.29 -20.86 1.44
N ASP A 361 17.26 -20.29 2.04
CA ASP A 361 16.53 -20.91 3.15
C ASP A 361 15.25 -21.65 2.77
N MET A 362 14.63 -21.31 1.63
CA MET A 362 13.28 -21.77 1.32
CA MET A 362 13.26 -21.74 1.33
C MET A 362 13.08 -21.86 -0.18
N VAL A 363 12.31 -22.88 -0.58
CA VAL A 363 11.85 -22.99 -1.97
CA VAL A 363 11.86 -23.03 -1.96
C VAL A 363 10.35 -22.76 -2.01
N VAL A 364 9.91 -21.90 -2.92
CA VAL A 364 8.49 -21.65 -3.18
C VAL A 364 8.09 -22.29 -4.49
N MET A 365 7.16 -23.25 -4.39
CA MET A 365 6.54 -23.81 -5.57
C MET A 365 5.39 -22.90 -5.98
N ASP A 366 5.59 -22.23 -7.11
CA ASP A 366 4.70 -21.23 -7.61
C ASP A 366 3.58 -21.89 -8.45
N ASP A 367 2.95 -21.16 -9.36
CA ASP A 367 1.83 -21.68 -10.10
C ASP A 367 2.21 -22.96 -10.86
N GLY A 368 1.24 -23.86 -11.02
CA GLY A 368 1.41 -25.04 -11.84
C GLY A 368 1.31 -26.40 -11.14
N TRP A 369 0.96 -26.40 -9.84
CA TRP A 369 1.06 -27.61 -9.02
C TRP A 369 -0.28 -28.34 -8.82
N PHE A 370 -1.38 -27.73 -9.24
CA PHE A 370 -2.73 -28.14 -8.87
C PHE A 370 -3.52 -28.53 -10.11
N GLY A 371 -4.63 -29.23 -9.93
CA GLY A 371 -5.50 -29.56 -11.04
C GLY A 371 -4.72 -30.22 -12.18
N LYS A 372 -4.92 -29.69 -13.39
CA LYS A 372 -4.12 -30.04 -14.56
CA LYS A 372 -4.12 -30.04 -14.57
C LYS A 372 -3.49 -28.75 -15.12
N ARG A 373 -2.98 -27.94 -14.20
CA ARG A 373 -2.41 -26.62 -14.50
C ARG A 373 -1.05 -26.74 -15.14
N ASN A 374 -1.03 -27.04 -16.43
CA ASN A 374 0.21 -27.09 -17.20
C ASN A 374 0.41 -25.88 -18.09
N ASP A 375 -0.55 -24.97 -18.02
CA ASP A 375 -0.50 -23.62 -18.60
C ASP A 375 -1.54 -22.81 -17.85
N ASP A 376 -1.75 -21.56 -18.26
CA ASP A 376 -2.68 -20.69 -17.56
C ASP A 376 -4.06 -20.66 -18.19
N ASN A 377 -4.48 -21.80 -18.76
CA ASN A 377 -5.80 -21.91 -19.39
C ASN A 377 -6.77 -22.86 -18.70
N SER A 378 -6.42 -23.37 -17.54
CA SER A 378 -7.29 -24.30 -16.84
C SER A 378 -7.00 -24.29 -15.35
N SER A 379 -7.95 -24.86 -14.60
CA SER A 379 -7.74 -25.44 -13.28
C SER A 379 -7.84 -24.52 -12.08
N LEU A 380 -7.92 -23.19 -12.28
CA LEU A 380 -8.21 -22.35 -11.12
C LEU A 380 -9.57 -22.76 -10.57
N GLY A 381 -9.61 -22.99 -9.26
CA GLY A 381 -10.80 -23.52 -8.59
C GLY A 381 -10.64 -24.99 -8.23
N ASP A 382 -9.67 -25.68 -8.86
CA ASP A 382 -9.41 -27.12 -8.64
C ASP A 382 -8.12 -27.22 -7.84
N TRP A 383 -8.22 -26.93 -6.54
CA TRP A 383 -7.04 -26.85 -5.66
C TRP A 383 -6.72 -28.21 -5.07
N GLN A 384 -6.65 -29.18 -5.96
CA GLN A 384 -6.20 -30.53 -5.62
CA GLN A 384 -6.21 -30.52 -5.61
C GLN A 384 -4.82 -30.69 -6.19
N VAL A 385 -3.92 -31.29 -5.42
CA VAL A 385 -2.57 -31.49 -5.84
C VAL A 385 -2.50 -32.36 -7.05
N ASN A 386 -1.71 -31.96 -8.06
CA ASN A 386 -1.45 -32.79 -9.24
C ASN A 386 -0.32 -33.75 -8.90
N GLU A 387 -0.69 -34.92 -8.38
CA GLU A 387 0.29 -35.88 -7.91
C GLU A 387 1.04 -36.58 -9.06
N THR A 388 0.44 -36.60 -10.25
CA THR A 388 1.18 -37.09 -11.42
C THR A 388 2.38 -36.21 -11.68
N LYS A 389 2.14 -34.90 -11.74
CA LYS A 389 3.21 -33.95 -12.02
C LYS A 389 4.24 -33.89 -10.91
N LEU A 390 3.78 -33.95 -9.67
CA LEU A 390 4.68 -33.89 -8.54
C LEU A 390 5.36 -35.24 -8.23
N GLY A 391 4.99 -36.29 -8.96
CA GLY A 391 5.59 -37.63 -8.76
C GLY A 391 5.30 -38.24 -7.41
N GLY A 392 4.15 -37.90 -6.84
CA GLY A 392 3.81 -38.31 -5.50
C GLY A 392 3.02 -37.22 -4.82
N SER A 393 2.78 -37.41 -3.54
CA SER A 393 1.96 -36.48 -2.78
C SER A 393 2.68 -35.17 -2.44
N LEU A 394 1.88 -34.15 -2.13
CA LEU A 394 2.46 -32.91 -1.60
C LEU A 394 3.18 -33.17 -0.29
N ALA A 395 2.60 -34.00 0.60
CA ALA A 395 3.29 -34.31 1.86
C ALA A 395 4.68 -34.86 1.64
N GLU A 396 4.81 -35.76 0.67
CA GLU A 396 6.10 -36.36 0.39
CA GLU A 396 6.09 -36.37 0.30
C GLU A 396 7.06 -35.31 -0.19
N LEU A 397 6.56 -34.45 -1.08
CA LEU A 397 7.41 -33.40 -1.64
C LEU A 397 7.95 -32.47 -0.56
N ILE A 398 7.06 -32.05 0.32
CA ILE A 398 7.47 -31.18 1.41
C ILE A 398 8.58 -31.84 2.24
N THR A 399 8.41 -33.14 2.54
CA THR A 399 9.41 -33.85 3.33
C THR A 399 10.73 -33.92 2.56
N ARG A 400 10.69 -34.22 1.26
CA ARG A 400 11.92 -34.27 0.46
C ARG A 400 12.65 -32.92 0.47
N VAL A 401 11.90 -31.82 0.45
CA VAL A 401 12.51 -30.49 0.49
C VAL A 401 13.09 -30.24 1.88
N HIS A 402 12.36 -30.63 2.94
CA HIS A 402 12.84 -30.46 4.31
CA HIS A 402 12.83 -30.51 4.32
C HIS A 402 14.14 -31.27 4.51
N GLU A 403 14.23 -32.43 3.87
CA GLU A 403 15.43 -33.28 3.95
C GLU A 403 16.68 -32.63 3.33
N GLN A 404 16.45 -31.66 2.44
CA GLN A 404 17.53 -30.83 1.90
C GLN A 404 17.87 -29.63 2.78
N GLY A 405 17.24 -29.53 3.95
CA GLY A 405 17.44 -28.43 4.88
C GLY A 405 16.65 -27.17 4.54
N MET A 406 15.62 -27.32 3.71
CA MET A 406 14.91 -26.14 3.17
C MET A 406 13.47 -26.06 3.64
N LYS A 407 13.02 -24.84 3.91
CA LYS A 407 11.61 -24.56 4.12
C LYS A 407 10.85 -24.58 2.77
N PHE A 408 9.52 -24.61 2.88
CA PHE A 408 8.64 -24.80 1.74
C PHE A 408 7.55 -23.77 1.72
N GLY A 409 7.35 -23.17 0.55
CA GLY A 409 6.26 -22.27 0.30
C GLY A 409 5.47 -22.64 -0.93
N ILE A 410 4.25 -22.10 -1.03
CA ILE A 410 3.32 -22.46 -2.11
C ILE A 410 2.49 -21.27 -2.55
N TRP A 411 2.11 -21.26 -3.82
CA TRP A 411 1.28 -20.23 -4.44
C TRP A 411 -0.17 -20.68 -4.55
N ILE A 412 -1.07 -19.75 -4.30
CA ILE A 412 -2.50 -19.96 -4.44
C ILE A 412 -3.12 -18.74 -5.09
N GLU A 413 -4.30 -18.93 -5.66
CA GLU A 413 -5.06 -17.85 -6.31
C GLU A 413 -6.57 -18.06 -6.06
N PRO A 414 -6.99 -17.98 -4.79
CA PRO A 414 -8.29 -18.52 -4.42
C PRO A 414 -9.51 -17.78 -4.96
N GLU A 415 -9.36 -16.52 -5.41
CA GLU A 415 -10.49 -15.74 -5.89
C GLU A 415 -10.94 -16.06 -7.30
N MET A 416 -10.29 -17.02 -7.96
CA MET A 416 -10.44 -17.13 -9.42
C MET A 416 -10.87 -18.53 -9.89
N ILE A 417 -11.39 -18.58 -11.11
CA ILE A 417 -11.89 -19.81 -11.70
C ILE A 417 -11.64 -19.79 -13.20
N ASN A 418 -11.20 -20.90 -13.78
CA ASN A 418 -11.19 -21.06 -15.23
C ASN A 418 -12.44 -21.80 -15.68
N GLU A 419 -12.98 -21.47 -16.83
CA GLU A 419 -14.05 -22.28 -17.42
C GLU A 419 -13.64 -23.73 -17.49
N ASP A 420 -12.40 -24.01 -17.87
CA ASP A 420 -11.89 -25.38 -17.92
C ASP A 420 -11.43 -25.76 -16.51
N SER A 421 -12.38 -26.11 -15.67
CA SER A 421 -12.11 -26.61 -14.33
C SER A 421 -13.28 -27.47 -13.93
N ASP A 422 -13.02 -28.39 -13.02
CA ASP A 422 -14.10 -29.17 -12.41
C ASP A 422 -15.04 -28.26 -11.65
N LEU A 423 -14.49 -27.25 -10.95
CA LEU A 423 -15.33 -26.34 -10.18
C LEU A 423 -16.34 -25.60 -11.06
N TYR A 424 -15.88 -25.14 -12.24
CA TYR A 424 -16.76 -24.41 -13.12
C TYR A 424 -17.79 -25.31 -13.80
N ARG A 425 -17.40 -26.54 -14.12
CA ARG A 425 -18.36 -27.48 -14.67
C ARG A 425 -19.45 -27.80 -13.65
N ALA A 426 -19.12 -27.77 -12.37
CA ALA A 426 -20.11 -28.02 -11.28
C ALA A 426 -20.90 -26.77 -10.89
N HIS A 427 -20.27 -25.59 -10.93
CA HIS A 427 -20.86 -24.37 -10.37
C HIS A 427 -20.58 -23.14 -11.25
N PRO A 428 -21.08 -23.12 -12.49
CA PRO A 428 -20.75 -21.98 -13.37
C PRO A 428 -21.32 -20.66 -12.85
N ASP A 429 -22.37 -20.75 -12.03
CA ASP A 429 -23.01 -19.57 -11.46
C ASP A 429 -22.18 -18.96 -10.32
N TRP A 430 -21.10 -19.62 -9.89
CA TRP A 430 -20.24 -19.05 -8.85
C TRP A 430 -19.31 -17.96 -9.39
N ALA A 431 -19.12 -17.92 -10.73
CA ALA A 431 -18.34 -16.82 -11.33
C ALA A 431 -19.13 -15.54 -11.32
N ILE A 432 -18.45 -14.42 -11.11
CA ILE A 432 -19.08 -13.13 -11.30
C ILE A 432 -19.43 -12.94 -12.79
N ARG A 433 -20.70 -12.69 -13.03
CA ARG A 433 -21.23 -12.56 -14.39
C ARG A 433 -22.58 -11.87 -14.28
N ILE A 434 -23.06 -11.39 -15.43
CA ILE A 434 -24.39 -10.79 -15.58
C ILE A 434 -25.23 -11.79 -16.33
N GLN A 435 -26.43 -12.07 -15.81
CA GLN A 435 -27.24 -13.10 -16.41
CA GLN A 435 -27.33 -13.05 -16.41
C GLN A 435 -27.56 -12.74 -17.87
N GLY A 436 -27.38 -13.74 -18.74
CA GLY A 436 -27.63 -13.59 -20.17
C GLY A 436 -26.48 -12.97 -20.99
N LYS A 437 -25.41 -12.53 -20.31
CA LYS A 437 -24.31 -11.81 -20.96
CA LYS A 437 -24.32 -11.80 -20.95
C LYS A 437 -23.04 -12.63 -20.89
N LYS A 438 -22.37 -12.81 -22.02
CA LYS A 438 -21.10 -13.50 -22.00
CA LYS A 438 -21.07 -13.47 -22.05
C LYS A 438 -20.03 -12.59 -21.37
N PRO A 439 -19.27 -13.15 -20.40
CA PRO A 439 -18.38 -12.28 -19.59
C PRO A 439 -17.05 -11.94 -20.24
N VAL A 440 -16.48 -10.82 -19.82
CA VAL A 440 -15.08 -10.51 -20.12
C VAL A 440 -14.20 -11.63 -19.55
N ARG A 441 -13.20 -12.05 -20.31
CA ARG A 441 -12.18 -13.00 -19.87
C ARG A 441 -10.85 -12.26 -19.82
N SER A 442 -10.01 -12.57 -18.86
CA SER A 442 -8.72 -11.91 -18.72
C SER A 442 -7.76 -12.96 -18.18
N ARG A 443 -6.65 -13.21 -18.87
CA ARG A 443 -5.82 -14.42 -18.65
C ARG A 443 -6.71 -15.67 -18.71
N ASN A 444 -7.74 -15.63 -19.56
CA ASN A 444 -8.62 -16.76 -19.80
C ASN A 444 -9.26 -17.32 -18.52
N GLN A 445 -9.51 -16.42 -17.55
CA GLN A 445 -10.13 -16.77 -16.27
C GLN A 445 -11.21 -15.75 -15.92
N LEU A 446 -12.00 -16.11 -14.91
CA LEU A 446 -13.08 -15.32 -14.37
C LEU A 446 -12.91 -15.16 -12.86
N LEU A 447 -13.52 -14.15 -12.28
CA LEU A 447 -13.53 -14.03 -10.81
C LEU A 447 -14.64 -14.91 -10.26
N LEU A 448 -14.32 -15.54 -9.13
CA LEU A 448 -15.36 -16.10 -8.26
C LEU A 448 -16.05 -15.01 -7.49
N ASP A 449 -17.34 -15.20 -7.23
CA ASP A 449 -18.09 -14.25 -6.45
C ASP A 449 -17.80 -14.40 -4.96
N PHE A 450 -16.74 -13.74 -4.50
CA PHE A 450 -16.37 -13.74 -3.10
C PHE A 450 -17.30 -12.95 -2.18
N SER A 451 -18.33 -12.32 -2.71
CA SER A 451 -19.37 -11.80 -1.85
C SER A 451 -20.25 -12.91 -1.26
N ARG A 452 -20.17 -14.12 -1.82
CA ARG A 452 -20.99 -15.24 -1.38
C ARG A 452 -20.22 -16.20 -0.47
N LYS A 453 -20.74 -16.38 0.74
CA LYS A 453 -20.12 -17.26 1.73
CA LYS A 453 -20.14 -17.28 1.73
C LYS A 453 -19.95 -18.69 1.19
N GLU A 454 -20.93 -19.23 0.48
CA GLU A 454 -20.80 -20.61 0.05
CA GLU A 454 -20.87 -20.59 -0.03
C GLU A 454 -19.65 -20.80 -0.93
N VAL A 455 -19.37 -19.78 -1.74
CA VAL A 455 -18.29 -19.80 -2.70
C VAL A 455 -16.96 -19.77 -1.94
N ARG A 456 -16.84 -18.82 -1.01
CA ARG A 456 -15.63 -18.68 -0.22
C ARG A 456 -15.35 -19.94 0.59
N ASP A 457 -16.38 -20.51 1.22
CA ASP A 457 -16.20 -21.70 2.06
C ASP A 457 -15.69 -22.89 1.27
N CYS A 458 -16.21 -23.11 0.08
CA CYS A 458 -15.72 -24.17 -0.76
C CYS A 458 -14.24 -24.05 -0.99
N VAL A 459 -13.80 -22.87 -1.42
CA VAL A 459 -12.41 -22.71 -1.74
C VAL A 459 -11.55 -22.74 -0.48
N PHE A 460 -12.03 -22.13 0.59
CA PHE A 460 -11.27 -22.10 1.85
C PHE A 460 -10.98 -23.54 2.31
N ASP A 461 -12.01 -24.39 2.26
CA ASP A 461 -11.84 -25.80 2.65
C ASP A 461 -10.77 -26.48 1.77
N GLN A 462 -10.78 -26.22 0.44
CA GLN A 462 -9.79 -26.85 -0.42
C GLN A 462 -8.38 -26.41 -0.03
N ILE A 463 -8.21 -25.10 0.21
CA ILE A 463 -6.92 -24.54 0.54
C ILE A 463 -6.42 -25.16 1.87
N CYS A 464 -7.33 -25.30 2.84
CA CYS A 464 -6.93 -25.91 4.13
C CYS A 464 -6.45 -27.33 3.95
N VAL A 465 -7.09 -28.11 3.09
CA VAL A 465 -6.64 -29.48 2.87
C VAL A 465 -5.18 -29.45 2.38
N VAL A 466 -4.87 -28.57 1.42
CA VAL A 466 -3.52 -28.45 0.91
C VAL A 466 -2.52 -28.03 1.99
N LEU A 467 -2.85 -26.96 2.73
CA LEU A 467 -1.92 -26.46 3.72
C LEU A 467 -1.70 -27.39 4.91
N ASP A 468 -2.69 -28.25 5.14
CA ASP A 468 -2.61 -29.25 6.20
C ASP A 468 -1.79 -30.48 5.84
N GLN A 469 -1.28 -30.59 4.61
CA GLN A 469 -0.47 -31.75 4.20
C GLN A 469 0.94 -31.78 4.78
N GLY A 470 1.43 -30.64 5.26
CA GLY A 470 2.77 -30.60 5.76
C GLY A 470 3.09 -29.23 6.32
N LYS A 471 4.33 -29.03 6.74
CA LYS A 471 4.81 -27.77 7.26
CA LYS A 471 4.75 -27.74 7.28
C LYS A 471 5.06 -26.80 6.12
N ILE A 472 4.12 -25.91 5.89
CA ILE A 472 4.27 -24.91 4.83
C ILE A 472 4.51 -23.61 5.55
N ASP A 473 5.70 -23.07 5.32
CA ASP A 473 6.07 -21.87 6.08
CA ASP A 473 6.24 -21.90 5.98
C ASP A 473 5.71 -20.57 5.39
N TYR A 474 5.20 -20.64 4.17
CA TYR A 474 4.98 -19.43 3.35
C TYR A 474 3.92 -19.72 2.31
N VAL A 475 3.04 -18.74 2.10
CA VAL A 475 2.05 -18.77 1.05
C VAL A 475 2.13 -17.46 0.28
N LYS A 476 2.13 -17.57 -1.03
CA LYS A 476 1.99 -16.42 -1.93
C LYS A 476 0.57 -16.43 -2.45
N TRP A 477 -0.25 -15.42 -2.09
CA TRP A 477 -1.65 -15.39 -2.49
C TRP A 477 -1.79 -14.35 -3.60
N ASP A 478 -2.05 -14.82 -4.80
CA ASP A 478 -2.10 -14.03 -6.03
C ASP A 478 -3.52 -13.80 -6.48
N MET A 479 -3.69 -12.98 -7.50
CA MET A 479 -4.98 -12.51 -8.00
C MET A 479 -4.70 -11.84 -9.37
N ASN A 480 -5.03 -12.54 -10.46
CA ASN A 480 -4.49 -12.22 -11.78
C ASN A 480 -5.40 -11.56 -12.82
N ARG A 481 -6.49 -10.94 -12.39
CA ARG A 481 -7.26 -10.10 -13.31
C ARG A 481 -8.15 -9.14 -12.58
N SER A 482 -8.61 -8.12 -13.31
CA SER A 482 -9.53 -7.15 -12.78
C SER A 482 -10.97 -7.65 -12.86
N MET A 483 -11.81 -7.09 -11.99
CA MET A 483 -13.25 -7.43 -11.94
C MET A 483 -13.99 -6.79 -13.10
N ALA A 484 -14.83 -7.57 -13.77
CA ALA A 484 -15.76 -7.04 -14.77
C ALA A 484 -17.12 -7.68 -14.60
N ASP A 485 -18.06 -7.38 -15.49
CA ASP A 485 -19.39 -7.95 -15.40
C ASP A 485 -20.02 -7.72 -14.03
N VAL A 486 -19.83 -6.53 -13.48
CA VAL A 486 -20.31 -6.17 -12.17
C VAL A 486 -21.82 -6.07 -12.18
N TYR A 487 -22.50 -6.92 -11.41
CA TYR A 487 -23.95 -7.15 -11.60
C TYR A 487 -24.82 -6.32 -10.66
N ALA A 488 -24.26 -5.67 -9.65
CA ALA A 488 -25.05 -4.88 -8.69
C ALA A 488 -24.16 -3.90 -7.98
N GLY A 489 -24.79 -2.89 -7.36
CA GLY A 489 -24.05 -1.80 -6.76
C GLY A 489 -23.41 -2.04 -5.41
N ASN A 490 -23.65 -3.23 -4.83
CA ASN A 490 -23.00 -3.67 -3.58
C ASN A 490 -21.78 -4.56 -3.82
N LEU A 491 -21.63 -5.04 -5.05
CA LEU A 491 -20.70 -6.14 -5.30
C LEU A 491 -19.25 -5.76 -5.09
N SER A 492 -18.83 -4.61 -5.62
CA SER A 492 -17.40 -4.26 -5.46
C SER A 492 -17.01 -4.25 -3.99
N TYR A 493 -17.84 -3.66 -3.14
CA TYR A 493 -17.51 -3.55 -1.74
C TYR A 493 -17.64 -4.91 -1.04
N ASP A 494 -18.72 -5.64 -1.29
CA ASP A 494 -18.94 -6.93 -0.59
C ASP A 494 -17.93 -7.99 -1.03
N TYR A 495 -17.49 -7.95 -2.28
CA TYR A 495 -16.44 -8.86 -2.77
C TYR A 495 -15.19 -8.70 -1.89
N VAL A 496 -14.78 -7.45 -1.66
CA VAL A 496 -13.59 -7.20 -0.88
C VAL A 496 -13.78 -7.57 0.58
N LEU A 497 -14.97 -7.32 1.14
CA LEU A 497 -15.24 -7.85 2.48
C LEU A 497 -15.02 -9.36 2.51
N GLY A 498 -15.46 -10.05 1.47
CA GLY A 498 -15.26 -11.51 1.38
C GLY A 498 -13.79 -11.90 1.31
N VAL A 499 -13.00 -11.17 0.52
CA VAL A 499 -11.58 -11.40 0.46
C VAL A 499 -10.93 -11.25 1.83
N TYR A 500 -11.22 -10.16 2.52
CA TYR A 500 -10.63 -9.93 3.82
C TYR A 500 -11.09 -10.97 4.85
N ASP A 501 -12.34 -11.40 4.74
CA ASP A 501 -12.82 -12.45 5.65
C ASP A 501 -12.04 -13.75 5.46
N PHE A 502 -11.87 -14.16 4.21
CA PHE A 502 -11.07 -15.34 3.90
C PHE A 502 -9.66 -15.14 4.40
N MET A 503 -9.06 -13.98 4.13
CA MET A 503 -7.68 -13.71 4.51
C MET A 503 -7.51 -13.72 6.03
N GLU A 504 -8.45 -13.13 6.77
CA GLU A 504 -8.42 -13.18 8.23
C GLU A 504 -8.54 -14.62 8.74
N ARG A 505 -9.45 -15.39 8.16
CA ARG A 505 -9.63 -16.80 8.54
CA ARG A 505 -9.63 -16.77 8.59
C ARG A 505 -8.36 -17.58 8.32
N LEU A 506 -7.71 -17.33 7.18
CA LEU A 506 -6.49 -18.02 6.84
C LEU A 506 -5.36 -17.68 7.78
N CYS A 507 -5.18 -16.40 8.06
CA CYS A 507 -4.11 -15.98 8.95
C CYS A 507 -4.35 -16.44 10.40
N SER A 508 -5.62 -16.50 10.81
CA SER A 508 -5.94 -16.98 12.16
CA SER A 508 -5.97 -16.98 12.16
C SER A 508 -5.68 -18.48 12.28
N ARG A 509 -6.03 -19.23 11.24
CA ARG A 509 -5.83 -20.69 11.27
C ARG A 509 -4.38 -21.07 11.16
N TYR A 510 -3.60 -20.24 10.47
CA TYR A 510 -2.19 -20.49 10.18
C TYR A 510 -1.37 -19.28 10.63
N PRO A 511 -1.26 -19.07 11.93
CA PRO A 511 -0.66 -17.83 12.45
C PRO A 511 0.85 -17.73 12.32
N ASP A 512 1.51 -18.83 12.00
CA ASP A 512 2.96 -18.77 11.80
C ASP A 512 3.41 -18.63 10.36
N LEU A 513 2.42 -18.57 9.47
CA LEU A 513 2.66 -18.44 8.02
CA LEU A 513 2.65 -18.47 8.04
C LEU A 513 3.20 -17.08 7.70
N LEU A 514 4.20 -17.04 6.82
CA LEU A 514 4.61 -15.78 6.15
CA LEU A 514 4.54 -15.78 6.16
C LEU A 514 3.72 -15.71 4.89
N LEU A 515 2.79 -14.75 4.84
CA LEU A 515 1.90 -14.54 3.71
C LEU A 515 2.49 -13.39 2.86
N GLU A 516 2.76 -13.68 1.61
CA GLU A 516 3.15 -12.64 0.64
C GLU A 516 1.95 -12.39 -0.26
N GLY A 517 1.47 -11.16 -0.28
CA GLY A 517 0.42 -10.78 -1.20
C GLY A 517 0.95 -10.60 -2.62
N CYS A 518 0.10 -10.81 -3.58
CA CYS A 518 0.46 -10.66 -5.01
C CYS A 518 -0.77 -10.39 -5.81
N SER A 519 -0.63 -9.65 -6.91
CA SER A 519 -1.71 -9.50 -7.87
C SER A 519 -1.04 -9.13 -9.18
N GLY A 520 -0.59 -10.12 -9.92
CA GLY A 520 0.25 -9.88 -11.08
C GLY A 520 1.34 -8.90 -10.72
N GLY A 521 2.10 -9.20 -9.68
CA GLY A 521 2.99 -8.21 -9.10
C GLY A 521 2.26 -7.32 -8.12
N GLY A 522 2.43 -6.03 -8.28
CA GLY A 522 1.92 -5.04 -7.36
C GLY A 522 0.57 -4.46 -7.67
N GLY A 523 -0.38 -5.28 -8.13
CA GLY A 523 -1.71 -4.83 -8.47
C GLY A 523 -2.66 -4.57 -7.29
N ARG A 524 -2.24 -5.01 -6.10
CA ARG A 524 -2.92 -4.68 -4.85
C ARG A 524 -1.86 -4.41 -3.81
N PHE A 525 -0.99 -3.44 -4.12
CA PHE A 525 0.10 -3.04 -3.24
C PHE A 525 -0.45 -1.92 -2.38
N ASP A 526 -1.07 -2.28 -1.28
CA ASP A 526 -1.79 -1.31 -0.48
C ASP A 526 -1.75 -1.73 0.98
N ALA A 527 -2.00 -0.77 1.85
CA ALA A 527 -1.91 -1.00 3.30
C ALA A 527 -3.01 -1.91 3.81
N GLY A 528 -4.12 -2.01 3.09
CA GLY A 528 -5.12 -3.02 3.43
C GLY A 528 -4.54 -4.41 3.37
N MET A 529 -3.79 -4.72 2.33
CA MET A 529 -3.15 -6.02 2.21
CA MET A 529 -3.17 -6.02 2.21
C MET A 529 -2.03 -6.19 3.22
N LEU A 530 -1.28 -5.13 3.51
CA LEU A 530 -0.17 -5.20 4.43
C LEU A 530 -0.60 -5.50 5.86
N TYR A 531 -1.86 -5.25 6.19
CA TYR A 531 -2.42 -5.66 7.49
C TYR A 531 -2.34 -7.19 7.66
N TYR A 532 -2.41 -7.92 6.56
CA TYR A 532 -2.38 -9.40 6.55
C TYR A 532 -1.03 -9.97 6.14
N SER A 533 -0.42 -9.40 5.11
CA SER A 533 0.85 -9.87 4.52
CA SER A 533 0.80 -9.92 4.50
C SER A 533 1.90 -8.86 4.70
N PRO A 534 3.01 -9.18 5.36
CA PRO A 534 4.06 -8.20 5.64
C PRO A 534 4.94 -7.88 4.42
N GLN A 535 4.75 -8.61 3.34
CA GLN A 535 5.39 -8.26 2.08
C GLN A 535 4.42 -8.58 0.95
N ILE A 536 4.60 -7.86 -0.17
CA ILE A 536 3.79 -7.98 -1.37
C ILE A 536 4.74 -8.00 -2.53
N TRP A 537 4.54 -8.90 -3.48
CA TRP A 537 5.38 -8.97 -4.67
C TRP A 537 5.29 -7.67 -5.43
N CYS A 538 6.40 -6.93 -5.51
CA CYS A 538 6.28 -5.51 -5.85
C CYS A 538 5.89 -5.32 -7.34
N SER A 539 6.42 -6.19 -8.19
CA SER A 539 6.16 -6.15 -9.60
C SER A 539 6.59 -7.45 -10.24
N ASP A 540 5.91 -7.83 -11.31
CA ASP A 540 6.38 -8.91 -12.16
C ASP A 540 7.59 -8.49 -12.96
N ASN A 541 7.85 -7.19 -13.07
CA ASN A 541 9.08 -6.70 -13.67
C ASN A 541 10.21 -6.92 -12.69
N THR A 542 11.14 -7.82 -13.02
CA THR A 542 12.32 -8.09 -12.20
C THR A 542 13.59 -7.57 -12.87
N ASP A 543 13.43 -6.68 -13.85
CA ASP A 543 14.56 -5.98 -14.47
C ASP A 543 15.10 -5.00 -13.48
N ALA A 544 16.38 -5.08 -13.18
CA ALA A 544 16.96 -4.28 -12.08
C ALA A 544 16.78 -2.80 -12.36
N ILE A 545 16.94 -2.39 -13.60
CA ILE A 545 16.89 -0.97 -13.92
C ILE A 545 15.48 -0.45 -13.76
N ASN A 546 14.50 -1.14 -14.29
CA ASN A 546 13.13 -0.72 -14.07
C ASN A 546 12.73 -0.81 -12.59
N ARG A 547 13.24 -1.81 -11.88
CA ARG A 547 12.95 -1.93 -10.45
C ARG A 547 13.44 -0.73 -9.67
N THR A 548 14.50 -0.05 -10.10
CA THR A 548 14.90 1.15 -9.38
C THR A 548 13.77 2.20 -9.39
N ARG A 549 13.05 2.34 -10.50
CA ARG A 549 11.95 3.26 -10.56
C ARG A 549 10.75 2.75 -9.76
N ILE A 550 10.41 1.49 -9.91
CA ILE A 550 9.23 0.94 -9.23
C ILE A 550 9.43 1.01 -7.70
N GLN A 551 10.60 0.62 -7.24
CA GLN A 551 10.91 0.62 -5.81
C GLN A 551 10.98 2.05 -5.27
N TYR A 552 11.55 2.98 -6.05
CA TYR A 552 11.51 4.40 -5.69
C TYR A 552 10.10 4.89 -5.47
N GLY A 553 9.23 4.66 -6.42
CA GLY A 553 7.86 5.10 -6.29
C GLY A 553 7.13 4.48 -5.13
N THR A 554 7.34 3.18 -4.95
CA THR A 554 6.68 2.44 -3.87
C THR A 554 7.13 2.97 -2.51
N SER A 555 8.34 3.51 -2.42
CA SER A 555 8.88 3.98 -1.16
C SER A 555 8.22 5.25 -0.67
N PHE A 556 7.44 5.98 -1.47
CA PHE A 556 6.88 7.22 -0.98
C PHE A 556 5.93 6.98 0.18
N PHE A 557 5.22 5.86 0.16
CA PHE A 557 4.34 5.47 1.25
C PHE A 557 4.73 4.17 1.94
N TYR A 558 5.37 3.24 1.26
CA TYR A 558 5.48 1.90 1.78
C TYR A 558 6.90 1.57 2.17
N PRO A 559 7.07 0.81 3.29
CA PRO A 559 8.40 0.51 3.76
C PRO A 559 9.13 -0.49 2.87
N VAL A 560 10.46 -0.41 2.81
CA VAL A 560 11.29 -1.37 2.09
C VAL A 560 10.93 -2.80 2.43
N SER A 561 10.71 -3.06 3.72
CA SER A 561 10.40 -4.40 4.18
C SER A 561 9.21 -5.03 3.51
N ALA A 562 8.30 -4.21 2.98
CA ALA A 562 7.11 -4.71 2.32
C ALA A 562 7.33 -5.10 0.85
N MET A 563 8.49 -4.77 0.27
CA MET A 563 8.61 -4.84 -1.18
C MET A 563 9.28 -6.16 -1.56
N GLY A 564 8.49 -7.11 -2.06
CA GLY A 564 9.04 -8.34 -2.60
C GLY A 564 9.95 -8.04 -3.76
N ALA A 565 11.16 -8.58 -3.75
CA ALA A 565 12.19 -8.26 -4.75
C ALA A 565 13.11 -9.46 -4.86
N HIS A 566 13.27 -9.99 -6.07
CA HIS A 566 14.11 -11.17 -6.33
C HIS A 566 15.14 -10.92 -7.40
N VAL A 567 16.33 -11.50 -7.22
CA VAL A 567 17.31 -11.63 -8.29
C VAL A 567 16.81 -12.63 -9.34
N SER A 568 16.68 -12.22 -10.59
CA SER A 568 16.23 -13.04 -11.68
C SER A 568 17.28 -13.16 -12.76
N ALA A 569 17.01 -14.00 -13.73
CA ALA A 569 17.96 -14.25 -14.83
C ALA A 569 17.98 -13.14 -15.85
N VAL A 570 19.04 -13.16 -16.66
CA VAL A 570 19.14 -12.26 -17.83
C VAL A 570 19.47 -13.12 -19.07
N PRO A 571 19.14 -12.63 -20.28
CA PRO A 571 18.33 -11.42 -20.55
C PRO A 571 17.01 -11.45 -19.80
N ASN A 572 16.61 -10.30 -19.26
CA ASN A 572 15.45 -10.27 -18.42
C ASN A 572 14.21 -10.71 -19.19
N HIS A 573 13.34 -11.48 -18.53
CA HIS A 573 12.20 -12.08 -19.20
C HIS A 573 11.11 -11.09 -19.60
N GLN A 574 11.10 -9.91 -18.99
CA GLN A 574 10.10 -8.86 -19.29
C GLN A 574 10.62 -7.79 -20.24
N THR A 575 11.90 -7.50 -20.26
CA THR A 575 12.43 -6.39 -21.05
C THR A 575 13.46 -6.83 -22.09
N GLY A 576 14.07 -7.99 -21.94
CA GLY A 576 15.18 -8.38 -22.75
C GLY A 576 16.51 -7.75 -22.42
N ARG A 577 16.59 -6.90 -21.42
CA ARG A 577 17.81 -6.23 -21.06
C ARG A 577 18.72 -7.15 -20.23
N VAL A 578 20.02 -7.00 -20.42
CA VAL A 578 21.03 -7.63 -19.60
C VAL A 578 21.51 -6.66 -18.53
N THR A 579 21.68 -7.15 -17.31
CA THR A 579 22.33 -6.42 -16.23
C THR A 579 23.29 -7.38 -15.53
N SER A 580 24.30 -6.87 -14.86
CA SER A 580 25.22 -7.71 -14.12
C SER A 580 24.52 -8.36 -12.92
N PHE A 581 25.04 -9.51 -12.51
CA PHE A 581 24.51 -10.20 -11.34
C PHE A 581 24.62 -9.32 -10.10
N HIS A 582 25.72 -8.60 -9.98
CA HIS A 582 25.92 -7.73 -8.85
C HIS A 582 24.87 -6.61 -8.79
N THR A 583 24.52 -6.01 -9.94
CA THR A 583 23.51 -4.95 -9.95
C THR A 583 22.13 -5.51 -9.59
N ARG A 584 21.78 -6.67 -10.13
CA ARG A 584 20.53 -7.32 -9.71
C ARG A 584 20.50 -7.53 -8.21
N GLY A 585 21.61 -7.97 -7.62
CA GLY A 585 21.68 -8.17 -6.16
C GLY A 585 21.48 -6.89 -5.38
N VAL A 586 22.16 -5.80 -5.75
CA VAL A 586 22.03 -4.55 -5.01
C VAL A 586 20.58 -4.09 -5.05
N THR A 587 19.97 -4.21 -6.22
CA THR A 587 18.62 -3.69 -6.40
C THR A 587 17.60 -4.52 -5.61
N ALA A 588 17.75 -5.85 -5.63
CA ALA A 588 16.82 -6.74 -4.93
C ALA A 588 16.97 -6.75 -3.44
N MET A 589 18.09 -6.27 -2.93
CA MET A 589 18.28 -6.11 -1.48
C MET A 589 17.51 -4.93 -0.94
N ALA A 590 16.96 -4.08 -1.80
CA ALA A 590 16.04 -3.03 -1.34
C ALA A 590 14.61 -3.56 -1.25
N GLY A 591 14.44 -4.56 -0.41
CA GLY A 591 13.20 -5.28 -0.32
C GLY A 591 13.43 -6.58 0.43
N THR A 592 12.61 -7.55 0.13
CA THR A 592 12.67 -8.85 0.82
C THR A 592 13.89 -9.64 0.46
N PHE A 593 14.48 -9.36 -0.71
CA PHE A 593 15.50 -10.19 -1.29
C PHE A 593 14.89 -11.55 -1.64
N GLY A 594 15.73 -12.41 -2.22
CA GLY A 594 15.33 -13.71 -2.73
C GLY A 594 15.78 -13.85 -4.18
N TYR A 595 15.51 -15.02 -4.74
CA TYR A 595 15.95 -15.46 -6.06
C TYR A 595 14.78 -16.05 -6.82
N GLU A 596 14.84 -15.93 -8.13
CA GLU A 596 13.79 -16.48 -8.98
C GLU A 596 14.41 -16.82 -10.33
N LEU A 597 15.15 -17.93 -10.33
CA LEU A 597 15.92 -18.42 -11.46
C LEU A 597 16.35 -19.85 -11.09
N ASN A 598 16.85 -20.59 -12.07
CA ASN A 598 17.42 -21.91 -11.80
C ASN A 598 18.93 -21.75 -11.60
N PRO A 599 19.44 -21.93 -10.37
CA PRO A 599 20.87 -21.68 -10.19
C PRO A 599 21.76 -22.67 -10.93
N ALA A 600 21.21 -23.82 -11.32
CA ALA A 600 22.00 -24.81 -12.07
C ALA A 600 22.52 -24.26 -13.40
N LEU A 601 21.88 -23.24 -13.96
CA LEU A 601 22.31 -22.63 -15.22
C LEU A 601 23.39 -21.60 -15.05
N LEU A 602 23.71 -21.25 -13.81
CA LEU A 602 24.65 -20.17 -13.56
C LEU A 602 26.09 -20.65 -13.56
N SER A 603 27.00 -19.71 -13.81
CA SER A 603 28.43 -20.01 -13.67
C SER A 603 28.81 -20.18 -12.22
N ASP A 604 29.95 -20.79 -11.99
CA ASP A 604 30.43 -20.94 -10.63
C ASP A 604 30.67 -19.58 -9.95
N GLU A 605 31.13 -18.61 -10.74
CA GLU A 605 31.35 -17.27 -10.24
C GLU A 605 30.02 -16.61 -9.78
N GLU A 606 28.96 -16.78 -10.57
CA GLU A 606 27.66 -16.26 -10.18
C GLU A 606 27.09 -17.03 -8.99
N LYS A 607 27.30 -18.33 -8.90
CA LYS A 607 26.90 -19.08 -7.70
C LYS A 607 27.63 -18.56 -6.46
N GLN A 608 28.93 -18.25 -6.59
CA GLN A 608 29.64 -17.66 -5.45
C GLN A 608 29.10 -16.26 -5.10
N GLN A 609 28.74 -15.48 -6.13
CA GLN A 609 28.05 -14.22 -5.87
C GLN A 609 26.78 -14.42 -5.07
N ILE A 610 26.02 -15.47 -5.36
CA ILE A 610 24.80 -15.74 -4.56
C ILE A 610 25.20 -15.95 -3.11
N ARG A 611 26.23 -16.79 -2.87
CA ARG A 611 26.65 -17.03 -1.51
C ARG A 611 26.97 -15.71 -0.77
N GLU A 612 27.72 -14.85 -1.44
CA GLU A 612 28.14 -13.62 -0.82
CA GLU A 612 28.15 -13.58 -0.90
C GLU A 612 26.97 -12.64 -0.68
N GLN A 613 26.07 -12.61 -1.67
CA GLN A 613 24.87 -11.78 -1.57
C GLN A 613 24.03 -12.11 -0.38
N ILE A 614 23.85 -13.41 -0.14
CA ILE A 614 23.03 -13.83 1.00
C ILE A 614 23.67 -13.43 2.33
N LYS A 615 25.00 -13.59 2.39
CA LYS A 615 25.72 -13.16 3.58
C LYS A 615 25.57 -11.66 3.80
N THR A 616 25.69 -10.89 2.71
CA THR A 616 25.48 -9.43 2.78
C THR A 616 24.07 -9.06 3.23
N TYR A 617 23.07 -9.65 2.60
CA TYR A 617 21.70 -9.34 2.96
C TYR A 617 21.43 -9.67 4.43
N LYS A 618 21.88 -10.84 4.87
CA LYS A 618 21.61 -11.24 6.25
CA LYS A 618 21.61 -11.23 6.25
C LYS A 618 22.35 -10.34 7.23
N LYS A 619 23.54 -9.89 6.86
CA LYS A 619 24.30 -8.98 7.71
C LYS A 619 23.56 -7.65 7.90
N TYR A 620 22.96 -7.15 6.80
CA TYR A 620 22.28 -5.86 6.82
C TYR A 620 20.75 -5.94 6.91
N GLU A 621 20.19 -7.12 7.14
CA GLU A 621 18.74 -7.32 7.07
CA GLU A 621 18.74 -7.27 7.02
C GLU A 621 17.98 -6.43 8.04
N THR A 622 18.45 -6.38 9.29
CA THR A 622 17.80 -5.55 10.28
C THR A 622 17.88 -4.07 9.91
N LEU A 623 19.02 -3.64 9.43
CA LEU A 623 19.19 -2.24 9.03
C LEU A 623 18.29 -1.87 7.84
N ILE A 624 18.25 -2.74 6.85
CA ILE A 624 17.41 -2.51 5.66
C ILE A 624 15.95 -2.49 6.04
N ASN A 625 15.54 -3.46 6.86
CA ASN A 625 14.11 -3.58 7.19
C ASN A 625 13.62 -2.62 8.25
N GLU A 626 14.46 -2.28 9.23
CA GLU A 626 14.06 -1.42 10.32
C GLU A 626 14.57 0.00 10.25
N GLY A 627 15.63 0.21 9.47
CA GLY A 627 16.25 1.52 9.41
C GLY A 627 15.42 2.56 8.69
N THR A 628 15.76 3.79 8.99
CA THR A 628 15.17 4.97 8.38
C THR A 628 15.59 5.03 6.91
N TYR A 629 14.64 5.15 6.00
CA TYR A 629 14.92 5.09 4.55
C TYR A 629 15.00 6.51 3.98
N TRP A 630 15.97 6.69 3.08
CA TRP A 630 16.19 7.95 2.38
C TRP A 630 16.42 7.69 0.89
N ARG A 631 15.58 8.33 0.07
CA ARG A 631 15.83 8.49 -1.37
C ARG A 631 16.91 9.54 -1.56
N LEU A 632 17.98 9.18 -2.25
CA LEU A 632 19.11 10.09 -2.44
C LEU A 632 19.20 10.62 -3.85
N SER A 633 18.34 10.15 -4.74
CA SER A 633 18.29 10.64 -6.11
C SER A 633 16.92 10.32 -6.65
N ASP A 634 16.62 10.89 -7.80
CA ASP A 634 15.38 10.64 -8.54
C ASP A 634 15.74 9.90 -9.83
N PRO A 635 15.38 8.61 -9.93
CA PRO A 635 15.81 7.81 -11.10
C PRO A 635 15.12 8.25 -12.39
N PHE A 636 14.13 9.13 -12.34
CA PHE A 636 13.50 9.67 -13.58
C PHE A 636 14.38 10.72 -14.21
N THR A 637 15.22 11.39 -13.44
CA THR A 637 15.97 12.56 -13.93
C THR A 637 17.48 12.44 -13.75
N ASP A 638 17.94 11.66 -12.78
CA ASP A 638 19.34 11.70 -12.37
C ASP A 638 20.18 10.61 -13.02
N GLU A 639 21.49 10.72 -12.83
CA GLU A 639 22.54 9.83 -13.35
CA GLU A 639 22.42 9.79 -13.44
C GLU A 639 22.51 8.47 -12.66
N ILE A 640 21.98 8.45 -11.43
CA ILE A 640 22.00 7.28 -10.56
C ILE A 640 20.65 7.13 -9.90
N ALA A 641 20.39 5.89 -9.48
CA ALA A 641 19.34 5.54 -8.52
C ALA A 641 20.05 5.24 -7.22
N ALA A 642 19.82 6.02 -6.19
CA ALA A 642 20.56 5.89 -4.95
C ALA A 642 19.64 6.01 -3.78
N TRP A 643 19.89 5.20 -2.75
CA TRP A 643 19.06 5.20 -1.55
C TRP A 643 19.90 4.76 -0.38
N MET A 644 19.41 4.94 0.84
CA MET A 644 20.13 4.45 2.01
C MET A 644 19.20 4.19 3.15
N SER A 645 19.66 3.31 4.04
CA SER A 645 18.97 2.98 5.28
C SER A 645 19.90 3.33 6.44
N VAL A 646 19.35 3.96 7.47
CA VAL A 646 20.12 4.45 8.62
C VAL A 646 19.50 3.91 9.91
N SER A 647 20.33 3.39 10.81
CA SER A 647 19.81 2.87 12.07
C SER A 647 19.15 3.97 12.91
N GLU A 648 18.30 3.59 13.85
CA GLU A 648 17.61 4.52 14.73
CA GLU A 648 17.60 4.59 14.64
C GLU A 648 18.57 5.46 15.45
N GLU A 649 19.68 4.89 15.91
CA GLU A 649 20.68 5.68 16.63
C GLU A 649 21.62 6.44 15.72
N GLN A 650 21.46 6.25 14.40
CA GLN A 650 22.28 6.93 13.40
C GLN A 650 23.75 6.52 13.46
N ASP A 651 23.99 5.31 13.96
CA ASP A 651 25.33 4.79 14.09
C ASP A 651 25.76 3.80 13.02
N HIS A 652 24.84 3.52 12.11
CA HIS A 652 25.08 2.58 11.02
CA HIS A 652 25.08 2.54 11.02
C HIS A 652 24.24 2.96 9.82
N ALA A 653 24.83 2.84 8.64
CA ALA A 653 24.11 3.17 7.40
C ALA A 653 24.60 2.29 6.28
N LEU A 654 23.69 1.92 5.40
CA LEU A 654 24.04 1.20 4.16
C LEU A 654 23.52 2.05 3.00
N VAL A 655 24.42 2.38 2.08
CA VAL A 655 24.12 3.25 0.94
C VAL A 655 24.20 2.36 -0.30
N SER A 656 23.19 2.44 -1.17
CA SER A 656 23.12 1.68 -2.39
C SER A 656 22.99 2.62 -3.59
N VAL A 657 23.70 2.29 -4.65
CA VAL A 657 23.71 3.14 -5.86
C VAL A 657 23.68 2.24 -7.10
N VAL A 658 22.84 2.56 -8.07
CA VAL A 658 22.87 1.94 -9.39
C VAL A 658 23.02 3.04 -10.42
N ARG A 659 24.04 2.98 -11.26
CA ARG A 659 24.21 3.96 -12.33
C ARG A 659 23.22 3.71 -13.45
N LEU A 660 22.66 4.79 -14.01
CA LEU A 660 21.61 4.69 -15.02
C LEU A 660 22.01 5.18 -16.40
N MET A 661 23.07 5.96 -16.47
CA MET A 661 23.52 6.64 -17.69
CA MET A 661 23.49 6.55 -17.74
C MET A 661 25.00 6.41 -17.88
N ALA A 662 25.45 6.32 -19.12
CA ALA A 662 26.86 6.12 -19.41
C ALA A 662 27.28 6.93 -20.62
N GLU A 663 28.39 7.64 -20.46
CA GLU A 663 29.05 8.31 -21.58
CA GLU A 663 29.05 8.40 -21.53
C GLU A 663 30.55 8.22 -21.41
N ALA A 664 31.29 8.56 -22.47
CA ALA A 664 32.74 8.60 -22.43
C ALA A 664 33.25 9.76 -21.58
N ASN A 665 34.51 9.67 -21.17
CA ASN A 665 35.16 10.74 -20.43
C ASN A 665 34.31 11.19 -19.28
N GLN A 666 33.90 10.22 -18.48
CA GLN A 666 32.82 10.42 -17.50
C GLN A 666 33.17 11.50 -16.50
N ALA A 667 32.18 12.32 -16.18
CA ALA A 667 32.30 13.24 -15.07
C ALA A 667 32.30 12.46 -13.77
N THR A 668 32.83 13.03 -12.72
CA THR A 668 32.75 12.41 -11.39
C THR A 668 31.37 12.61 -10.82
N VAL A 669 30.73 11.53 -10.40
CA VAL A 669 29.41 11.57 -9.77
C VAL A 669 29.57 11.36 -8.28
N TYR A 670 29.00 12.28 -7.50
CA TYR A 670 28.95 12.16 -6.04
C TYR A 670 27.56 11.72 -5.58
N VAL A 671 27.55 10.85 -4.58
CA VAL A 671 26.31 10.52 -3.87
C VAL A 671 26.30 11.28 -2.55
N ARG A 672 25.28 12.11 -2.35
CA ARG A 672 25.16 12.86 -1.10
C ARG A 672 24.23 12.10 -0.16
N LEU A 673 24.73 11.89 1.05
CA LEU A 673 23.99 11.08 2.03
C LEU A 673 23.01 11.98 2.80
N ARG A 674 22.10 11.32 3.54
CA ARG A 674 21.10 12.01 4.35
CA ARG A 674 21.11 12.02 4.36
C ARG A 674 20.92 11.26 5.65
N GLY A 675 20.42 11.94 6.68
CA GLY A 675 19.98 11.26 7.88
C GLY A 675 21.03 10.85 8.89
N LEU A 676 22.25 11.40 8.77
CA LEU A 676 23.35 11.13 9.67
C LEU A 676 23.48 12.27 10.70
N LYS A 677 24.29 12.00 11.71
CA LYS A 677 24.63 13.01 12.72
C LYS A 677 25.79 13.84 12.16
N PRO A 678 25.57 15.16 12.03
CA PRO A 678 26.57 16.02 11.40
C PRO A 678 27.98 15.96 11.99
N ASP A 679 28.06 15.92 13.33
CA ASP A 679 29.35 15.98 14.02
C ASP A 679 29.97 14.61 14.31
N ALA A 680 29.22 13.54 14.08
CA ALA A 680 29.74 12.21 14.27
C ALA A 680 30.75 11.88 13.17
N VAL A 681 31.69 11.00 13.49
CA VAL A 681 32.64 10.49 12.52
C VAL A 681 32.24 9.09 12.14
N TYR A 682 32.17 8.83 10.82
CA TYR A 682 31.78 7.54 10.25
C TYR A 682 32.93 6.87 9.47
N LEU A 683 33.10 5.57 9.71
CA LEU A 683 34.08 4.73 9.01
C LEU A 683 33.34 4.06 7.84
N GLU A 684 33.85 4.20 6.61
CA GLU A 684 33.34 3.42 5.48
C GLU A 684 34.09 2.09 5.52
N GLU A 685 33.34 0.98 5.46
CA GLU A 685 33.89 -0.34 5.80
CA GLU A 685 33.87 -0.35 5.79
C GLU A 685 34.97 -0.83 4.85
N GLN A 686 34.63 -1.00 3.57
CA GLN A 686 35.53 -1.64 2.60
C GLN A 686 36.80 -0.82 2.39
N SER A 687 36.67 0.49 2.38
CA SER A 687 37.80 1.38 2.10
C SER A 687 38.61 1.71 3.34
N GLY A 688 37.96 1.69 4.49
CA GLY A 688 38.58 2.08 5.75
C GLY A 688 38.81 3.57 5.95
N ARG A 689 38.19 4.40 5.09
CA ARG A 689 38.27 5.86 5.26
CA ARG A 689 38.24 5.85 5.22
C ARG A 689 37.16 6.33 6.18
N GLN A 690 37.45 7.44 6.88
CA GLN A 690 36.60 8.06 7.88
C GLN A 690 36.16 9.46 7.43
N TYR A 691 34.90 9.81 7.74
CA TYR A 691 34.27 11.08 7.31
C TYR A 691 33.32 11.59 8.36
N SER A 692 33.13 12.91 8.48
CA SER A 692 32.05 13.43 9.34
C SER A 692 30.70 13.29 8.67
N GLY A 693 29.63 13.20 9.45
CA GLY A 693 28.27 13.23 8.89
C GLY A 693 28.06 14.46 8.02
N ALA A 694 28.54 15.61 8.47
CA ALA A 694 28.37 16.87 7.74
C ALA A 694 29.00 16.79 6.33
N ALA A 695 30.19 16.23 6.29
CA ALA A 695 30.91 16.05 5.03
C ALA A 695 30.10 15.14 4.09
N LEU A 696 29.63 14.03 4.64
CA LEU A 696 28.90 13.03 3.85
C LEU A 696 27.56 13.56 3.34
N MET A 697 26.95 14.50 4.07
CA MET A 697 25.66 15.07 3.67
C MET A 697 25.78 16.27 2.75
N HIS A 698 26.89 17.02 2.81
CA HIS A 698 27.06 18.22 1.99
CA HIS A 698 27.03 18.22 1.95
C HIS A 698 27.86 17.97 0.72
N ALA A 699 29.00 17.31 0.85
CA ALA A 699 29.83 16.95 -0.30
C ALA A 699 29.57 15.54 -0.79
N GLY A 700 29.14 14.65 0.08
CA GLY A 700 28.94 13.26 -0.30
C GLY A 700 30.26 12.54 -0.55
N ILE A 701 30.16 11.44 -1.27
CA ILE A 701 31.33 10.67 -1.65
C ILE A 701 31.36 10.48 -3.15
N PRO A 702 32.56 10.54 -3.72
CA PRO A 702 32.68 10.29 -5.18
C PRO A 702 32.53 8.81 -5.47
N LEU A 703 31.76 8.49 -6.51
CA LEU A 703 31.62 7.09 -6.90
C LEU A 703 32.86 6.68 -7.67
N PRO A 704 33.31 5.42 -7.48
CA PRO A 704 34.37 4.92 -8.34
C PRO A 704 33.97 5.00 -9.81
N PRO A 705 34.90 5.33 -10.69
CA PRO A 705 34.55 5.43 -12.10
C PRO A 705 34.03 4.07 -12.60
N PHE A 706 33.01 4.10 -13.45
CA PHE A 706 32.47 2.87 -14.05
C PHE A 706 33.33 2.42 -15.21
N THR A 707 33.34 1.11 -15.43
CA THR A 707 33.95 0.53 -16.63
C THR A 707 32.94 -0.26 -17.49
N GLU A 708 31.73 -0.43 -16.98
CA GLU A 708 30.66 -1.14 -17.70
C GLU A 708 29.33 -0.45 -17.39
N GLU A 709 28.28 -0.83 -18.12
CA GLU A 709 27.01 -0.14 -18.01
C GLU A 709 26.26 -0.64 -16.77
N TYR A 710 25.46 0.23 -16.17
CA TYR A 710 24.55 -0.13 -15.08
C TYR A 710 25.29 -0.74 -13.92
N GLU A 711 26.42 -0.19 -13.55
CA GLU A 711 27.16 -0.69 -12.37
CA GLU A 711 27.18 -0.67 -12.41
C GLU A 711 26.49 -0.22 -11.11
N ALA A 712 26.67 -1.01 -10.07
CA ALA A 712 26.08 -0.75 -8.77
C ALA A 712 27.10 -0.85 -7.67
N TYR A 713 26.79 -0.21 -6.55
CA TYR A 713 27.67 -0.06 -5.41
C TYR A 713 26.87 -0.15 -4.12
N GLN A 714 27.49 -0.70 -3.07
CA GLN A 714 27.03 -0.59 -1.72
C GLN A 714 28.17 -0.11 -0.86
N PHE A 715 27.89 0.85 -0.01
CA PHE A 715 28.85 1.41 0.95
C PHE A 715 28.24 1.30 2.34
N ALA A 716 29.01 0.79 3.29
CA ALA A 716 28.54 0.66 4.68
C ALA A 716 29.33 1.62 5.54
N PHE A 717 28.62 2.36 6.38
CA PHE A 717 29.20 3.34 7.30
C PHE A 717 28.88 2.98 8.73
N THR A 718 29.88 3.09 9.61
CA THR A 718 29.75 2.82 11.04
C THR A 718 30.30 4.01 11.82
N GLU A 719 29.53 4.51 12.79
CA GLU A 719 29.97 5.60 13.64
C GLU A 719 31.14 5.14 14.53
N LEU A 720 32.18 5.96 14.54
CA LEU A 720 33.29 5.75 15.44
C LEU A 720 33.00 6.50 16.74
#